data_5NFO
#
_entry.id   5NFO
#
_cell.length_a   137.315
_cell.length_b   61.020
_cell.length_c   86.055
_cell.angle_alpha   90.00
_cell.angle_beta   90.00
_cell.angle_gamma   90.00
#
_symmetry.space_group_name_H-M   'P 21 21 2'
#
loop_
_entity.id
_entity.type
_entity.pdbx_description
1 polymer 'JmjC domain-containing protein 7'
2 non-polymer 'MANGANESE (II) ION'
3 non-polymer '2-OXOGLUTARIC ACID'
4 non-polymer GLYCEROL
5 non-polymer 'NITRATE ION'
6 water water
#
_entity_poly.entity_id   1
_entity_poly.type   'polypeptide(L)'
_entity_poly.pdbx_seq_one_letter_code
;GSSHHHHHHSSGLVPRGSHMAEAALEAVRSELREFPAAARELCVPLAVPYLDKPPTPLHFYRDWVCPNRPCIIRNALQHW
PALQKWSLPYFRATVGSTEVSVAVTPDGYADAVRGDRFMMPAERRLPLSFVLDVLEGRAQHPGVLYVQKQCSNLPSELPQ
LLPDLESHVPWASEALGKMPDAVNFWLGEAAAVTSLHKDHYENLYCVVSGEKHFLFHPPSDRPFIPYELYTPATYQLTEE
GTFKVVDEEAMEKVPWIPLDPLAPDLARYPSYSQAQALCCTVRAGEMLYLPALWFHHVQQSQGCIAVNFWYDMEYDLKYS
YFQLLDSLTKASGLD
;
_entity_poly.pdbx_strand_id   A,B
#
loop_
_chem_comp.id
_chem_comp.type
_chem_comp.name
_chem_comp.formula
AKG non-polymer '2-OXOGLUTARIC ACID' 'C5 H6 O5'
GOL non-polymer GLYCEROL 'C3 H8 O3'
MN non-polymer 'MANGANESE (II) ION' 'Mn 2'
NO3 non-polymer 'NITRATE ION' 'N O3 -1'
#
# COMPACT_ATOMS: atom_id res chain seq x y z
N HIS A 19 17.19 30.04 -10.37
CA HIS A 19 18.44 29.30 -10.25
C HIS A 19 18.24 28.07 -9.40
N MET A 20 18.11 28.29 -8.10
CA MET A 20 17.89 27.20 -7.17
C MET A 20 16.56 26.53 -7.47
N ALA A 21 15.55 27.33 -7.77
CA ALA A 21 14.24 26.80 -8.09
C ALA A 21 14.31 25.92 -9.34
N GLU A 22 15.06 26.32 -10.36
CA GLU A 22 15.08 25.47 -11.55
C GLU A 22 15.80 24.16 -11.26
N ALA A 23 16.83 24.20 -10.43
CA ALA A 23 17.57 22.99 -10.08
C ALA A 23 16.75 22.08 -9.17
N ALA A 24 15.98 22.66 -8.25
CA ALA A 24 15.12 21.84 -7.39
C ALA A 24 13.98 21.23 -8.20
N LEU A 25 13.48 21.95 -9.20
CA LEU A 25 12.37 21.42 -9.99
C LEU A 25 12.83 20.27 -10.88
N GLU A 26 13.98 20.41 -11.53
CA GLU A 26 14.46 19.31 -12.36
C GLU A 26 14.81 18.09 -11.52
N ALA A 27 15.34 18.30 -10.31
CA ALA A 27 15.54 17.19 -9.39
C ALA A 27 14.20 16.49 -9.11
N VAL A 28 13.18 17.26 -8.76
CA VAL A 28 11.86 16.69 -8.52
C VAL A 28 11.35 15.97 -9.76
N ARG A 29 11.44 16.62 -10.93
CA ARG A 29 11.00 16.00 -12.17
C ARG A 29 11.74 14.71 -12.46
N SER A 30 13.05 14.70 -12.22
CA SER A 30 13.83 13.49 -12.44
C SER A 30 13.37 12.35 -11.55
N GLU A 31 13.06 12.64 -10.28
CA GLU A 31 12.57 11.59 -9.38
C GLU A 31 11.23 11.05 -9.85
N LEU A 32 10.33 11.94 -10.28
CA LEU A 32 9.03 11.49 -10.78
C LEU A 32 9.19 10.65 -12.04
N ARG A 33 10.11 11.03 -12.92
CA ARG A 33 10.35 10.24 -14.13
C ARG A 33 11.01 8.90 -13.82
N GLU A 34 11.83 8.84 -12.76
CA GLU A 34 12.52 7.60 -12.42
C GLU A 34 11.61 6.64 -11.66
N PHE A 35 10.56 7.15 -11.02
CA PHE A 35 9.72 6.30 -10.18
C PHE A 35 9.01 5.19 -10.92
N PRO A 36 8.46 5.39 -12.12
CA PRO A 36 7.75 4.27 -12.77
C PRO A 36 8.63 3.06 -13.04
N ALA A 37 9.90 3.26 -13.40
CA ALA A 37 10.80 2.11 -13.59
C ALA A 37 11.12 1.46 -12.25
N ALA A 38 11.51 2.25 -11.24
CA ALA A 38 11.79 1.68 -9.93
C ALA A 38 10.60 0.88 -9.43
N ALA A 39 9.41 1.46 -9.49
CA ALA A 39 8.22 0.80 -8.96
C ALA A 39 7.90 -0.49 -9.72
N ARG A 40 7.98 -0.47 -11.06
CA ARG A 40 7.63 -1.67 -11.82
C ARG A 40 8.71 -2.75 -11.66
N GLU A 41 9.97 -2.34 -11.60
CA GLU A 41 11.04 -3.32 -11.45
C GLU A 41 10.93 -4.07 -10.12
N LEU A 42 10.30 -3.44 -9.12
CA LEU A 42 10.12 -4.06 -7.82
C LEU A 42 8.75 -4.70 -7.63
N CYS A 43 7.68 -4.14 -8.23
CA CYS A 43 6.31 -4.51 -7.86
C CYS A 43 5.46 -5.03 -9.01
N VAL A 44 5.87 -4.89 -10.26
CA VAL A 44 5.00 -5.20 -11.38
C VAL A 44 5.57 -6.38 -12.17
N PRO A 45 4.80 -7.44 -12.39
CA PRO A 45 5.32 -8.58 -13.16
C PRO A 45 5.44 -8.25 -14.65
N LEU A 46 6.34 -8.97 -15.30
CA LEU A 46 6.50 -8.90 -16.75
C LEU A 46 5.44 -9.69 -17.51
N ALA A 47 4.70 -10.56 -16.81
CA ALA A 47 3.61 -11.31 -17.42
C ALA A 47 2.57 -11.56 -16.35
N VAL A 48 1.30 -11.50 -16.72
CA VAL A 48 0.22 -11.70 -15.75
C VAL A 48 0.24 -13.16 -15.32
N PRO A 49 0.41 -13.44 -14.04
CA PRO A 49 0.49 -14.84 -13.58
C PRO A 49 -0.86 -15.52 -13.51
N TYR A 50 -0.82 -16.85 -13.64
CA TYR A 50 -2.00 -17.70 -13.56
C TYR A 50 -2.01 -18.46 -12.24
N LEU A 51 -3.20 -18.59 -11.64
CA LEU A 51 -3.44 -19.46 -10.51
C LEU A 51 -4.24 -20.68 -10.98
N ASP A 52 -3.80 -21.86 -10.54
CA ASP A 52 -4.42 -23.12 -10.95
C ASP A 52 -5.84 -23.27 -10.40
N LYS A 53 -6.13 -22.62 -9.28
CA LYS A 53 -7.43 -22.74 -8.64
C LYS A 53 -7.64 -21.52 -7.76
N PRO A 54 -8.84 -21.30 -7.26
CA PRO A 54 -9.09 -20.14 -6.40
C PRO A 54 -8.16 -20.13 -5.20
N PRO A 55 -7.63 -18.96 -4.84
CA PRO A 55 -6.78 -18.87 -3.66
C PRO A 55 -7.61 -18.86 -2.38
N THR A 56 -6.92 -19.03 -1.25
CA THR A 56 -7.58 -18.78 0.02
C THR A 56 -7.70 -17.27 0.23
N PRO A 57 -8.70 -16.83 0.98
CA PRO A 57 -8.87 -15.37 1.20
C PRO A 57 -7.59 -14.69 1.64
N LEU A 58 -6.89 -15.29 2.61
CA LEU A 58 -5.65 -14.72 3.10
C LEU A 58 -4.60 -14.63 1.99
N HIS A 59 -4.44 -15.70 1.22
CA HIS A 59 -3.50 -15.68 0.11
C HIS A 59 -3.89 -14.63 -0.93
N PHE A 60 -5.18 -14.54 -1.24
CA PHE A 60 -5.62 -13.53 -2.19
C PHE A 60 -5.23 -12.16 -1.72
N TYR A 61 -5.50 -11.85 -0.45
CA TYR A 61 -5.24 -10.50 0.04
C TYR A 61 -3.74 -10.23 0.15
N ARG A 62 -2.98 -11.19 0.69
CA ARG A 62 -1.55 -10.99 0.88
C ARG A 62 -0.77 -11.03 -0.42
N ASP A 63 -1.13 -11.93 -1.33
CA ASP A 63 -0.34 -12.12 -2.54
C ASP A 63 -0.75 -11.21 -3.69
N TRP A 64 -1.99 -10.71 -3.71
CA TRP A 64 -2.48 -9.98 -4.86
C TRP A 64 -3.09 -8.64 -4.48
N VAL A 65 -4.00 -8.61 -3.50
CA VAL A 65 -4.70 -7.37 -3.22
C VAL A 65 -3.76 -6.35 -2.58
N CYS A 66 -3.13 -6.72 -1.46
CA CYS A 66 -2.27 -5.76 -0.79
C CYS A 66 -1.16 -5.26 -1.71
N PRO A 67 -0.44 -6.11 -2.43
CA PRO A 67 0.59 -5.60 -3.35
C PRO A 67 0.04 -5.02 -4.64
N ASN A 68 -1.28 -5.08 -4.85
CA ASN A 68 -1.91 -4.38 -5.97
C ASN A 68 -1.43 -4.96 -7.30
N ARG A 69 -1.52 -6.30 -7.40
CA ARG A 69 -0.90 -7.12 -8.45
C ARG A 69 -1.97 -7.92 -9.18
N PRO A 70 -2.00 -7.93 -10.51
CA PRO A 70 -3.01 -8.71 -11.23
C PRO A 70 -2.68 -10.19 -11.33
N CYS A 71 -3.72 -11.00 -11.48
CA CYS A 71 -3.54 -12.42 -11.74
C CYS A 71 -4.80 -12.95 -12.42
N ILE A 72 -4.65 -14.10 -13.09
CA ILE A 72 -5.76 -14.80 -13.74
C ILE A 72 -5.98 -16.12 -13.00
N ILE A 73 -7.20 -16.32 -12.52
CA ILE A 73 -7.54 -17.54 -11.79
C ILE A 73 -8.24 -18.49 -12.74
N ARG A 74 -7.69 -19.68 -12.89
CA ARG A 74 -8.32 -20.75 -13.64
C ARG A 74 -9.24 -21.56 -12.73
N ASN A 75 -10.27 -22.16 -13.32
CA ASN A 75 -11.14 -23.10 -12.62
C ASN A 75 -11.90 -22.46 -11.47
N ALA A 76 -12.22 -21.18 -11.57
CA ALA A 76 -12.96 -20.49 -10.53
C ALA A 76 -14.45 -20.42 -10.81
N LEU A 77 -14.90 -20.78 -12.01
CA LEU A 77 -16.30 -20.68 -12.40
C LEU A 77 -16.92 -22.03 -12.71
N GLN A 78 -16.21 -23.12 -12.45
CA GLN A 78 -16.71 -24.44 -12.82
C GLN A 78 -17.99 -24.81 -12.08
N HIS A 79 -18.27 -24.15 -10.95
CA HIS A 79 -19.56 -24.33 -10.29
C HIS A 79 -20.67 -23.57 -11.01
N TRP A 80 -20.33 -22.54 -11.78
CA TRP A 80 -21.35 -21.70 -12.40
C TRP A 80 -22.12 -22.46 -13.47
N PRO A 81 -23.44 -22.62 -13.34
CA PRO A 81 -24.23 -23.13 -14.47
C PRO A 81 -24.03 -22.32 -15.74
N ALA A 82 -23.81 -21.01 -15.62
CA ALA A 82 -23.57 -20.19 -16.79
C ALA A 82 -22.43 -20.72 -17.64
N LEU A 83 -21.42 -21.32 -17.01
CA LEU A 83 -20.24 -21.74 -17.76
C LEU A 83 -20.55 -22.89 -18.70
N GLN A 84 -21.55 -23.69 -18.37
CA GLN A 84 -21.95 -24.77 -19.27
C GLN A 84 -23.12 -24.36 -20.16
N LYS A 85 -23.91 -23.36 -19.77
CA LYS A 85 -25.17 -23.04 -20.43
C LYS A 85 -25.14 -21.78 -21.27
N TRP A 86 -24.42 -20.74 -20.85
CA TRP A 86 -24.57 -19.45 -21.49
C TRP A 86 -24.04 -19.48 -22.91
N SER A 87 -24.79 -18.85 -23.80
CA SER A 87 -24.53 -18.78 -25.21
C SER A 87 -25.57 -17.82 -25.79
N LEU A 88 -25.28 -17.27 -26.96
CA LEU A 88 -26.29 -16.45 -27.61
C LEU A 88 -27.57 -17.21 -27.86
N PRO A 89 -27.55 -18.46 -28.32
CA PRO A 89 -28.82 -19.20 -28.46
C PRO A 89 -29.50 -19.43 -27.12
N TYR A 90 -28.74 -19.72 -26.06
CA TYR A 90 -29.37 -19.84 -24.74
C TYR A 90 -30.01 -18.53 -24.32
N PHE A 91 -29.35 -17.40 -24.58
CA PHE A 91 -29.93 -16.10 -24.26
C PHE A 91 -31.20 -15.86 -25.07
N ARG A 92 -31.17 -16.18 -26.37
CA ARG A 92 -32.35 -15.99 -27.21
C ARG A 92 -33.56 -16.69 -26.62
N ALA A 93 -33.40 -17.95 -26.22
CA ALA A 93 -34.51 -18.74 -25.69
C ALA A 93 -34.94 -18.25 -24.32
N THR A 94 -34.00 -17.77 -23.51
CA THR A 94 -34.24 -17.53 -22.09
C THR A 94 -34.68 -16.10 -21.81
N VAL A 95 -34.00 -15.11 -22.40
CA VAL A 95 -34.26 -13.70 -22.09
C VAL A 95 -34.26 -12.89 -23.36
N GLY A 96 -34.64 -13.50 -24.49
CA GLY A 96 -34.54 -12.83 -25.78
C GLY A 96 -35.44 -11.60 -25.87
N SER A 97 -36.65 -11.69 -25.36
CA SER A 97 -37.59 -10.58 -25.39
C SER A 97 -37.31 -9.50 -24.36
N THR A 98 -36.33 -9.71 -23.48
CA THR A 98 -36.04 -8.76 -22.42
C THR A 98 -35.38 -7.50 -23.00
N GLU A 99 -35.91 -6.33 -22.63
CA GLU A 99 -35.34 -5.07 -23.09
C GLU A 99 -34.13 -4.71 -22.22
N VAL A 100 -33.01 -4.38 -22.87
CA VAL A 100 -31.77 -4.06 -22.17
C VAL A 100 -31.22 -2.74 -22.67
N SER A 101 -30.40 -2.12 -21.84
CA SER A 101 -29.72 -0.89 -22.19
C SER A 101 -28.51 -1.20 -23.07
N VAL A 102 -28.41 -0.53 -24.20
CA VAL A 102 -27.37 -0.80 -25.18
C VAL A 102 -26.69 0.50 -25.54
N ALA A 103 -25.35 0.49 -25.50
CA ALA A 103 -24.56 1.63 -25.91
C ALA A 103 -24.32 1.55 -27.41
N VAL A 104 -24.57 2.65 -28.11
CA VAL A 104 -24.39 2.71 -29.55
C VAL A 104 -23.45 3.86 -29.87
N THR A 105 -22.46 3.59 -30.71
CA THR A 105 -21.53 4.59 -31.19
C THR A 105 -21.27 4.33 -32.67
N PRO A 106 -20.81 5.34 -33.41
CA PRO A 106 -20.46 5.11 -34.82
C PRO A 106 -19.30 4.16 -35.01
N ASP A 107 -18.29 4.23 -34.13
CA ASP A 107 -17.02 3.58 -34.36
C ASP A 107 -16.64 2.57 -33.27
N GLY A 108 -17.46 2.39 -32.24
CA GLY A 108 -17.17 1.39 -31.23
C GLY A 108 -16.37 1.90 -30.04
N TYR A 109 -16.17 3.21 -29.92
CA TYR A 109 -15.43 3.80 -28.82
C TYR A 109 -16.38 4.65 -27.99
N ALA A 110 -17.01 4.02 -27.00
CA ALA A 110 -17.84 4.73 -26.04
C ALA A 110 -16.97 5.20 -24.89
N ASP A 111 -17.28 6.38 -24.36
CA ASP A 111 -16.52 6.96 -23.25
C ASP A 111 -15.06 7.10 -23.64
N ALA A 112 -14.84 7.84 -24.73
CA ALA A 112 -13.53 8.00 -25.34
C ALA A 112 -13.39 9.41 -25.87
N VAL A 113 -12.14 9.84 -26.01
CA VAL A 113 -11.82 11.12 -26.60
C VAL A 113 -11.83 10.97 -28.13
N ARG A 114 -12.76 11.66 -28.79
CA ARG A 114 -12.79 11.72 -30.25
C ARG A 114 -12.65 13.18 -30.66
N GLY A 115 -11.60 13.47 -31.42
CA GLY A 115 -11.32 14.85 -31.78
C GLY A 115 -11.09 15.68 -30.52
N ASP A 116 -11.92 16.70 -30.32
CA ASP A 116 -11.81 17.56 -29.16
C ASP A 116 -12.97 17.37 -28.18
N ARG A 117 -13.47 16.14 -28.08
CA ARG A 117 -14.55 15.88 -27.14
C ARG A 117 -14.43 14.49 -26.54
N PHE A 118 -14.84 14.40 -25.29
CA PHE A 118 -15.08 13.14 -24.62
C PHE A 118 -16.47 12.67 -25.02
N MET A 119 -16.54 11.57 -25.77
CA MET A 119 -17.79 11.16 -26.39
C MET A 119 -18.45 10.07 -25.55
N MET A 120 -19.67 10.32 -25.13
CA MET A 120 -20.48 9.34 -24.44
C MET A 120 -21.44 8.68 -25.43
N PRO A 121 -21.76 7.40 -25.23
CA PRO A 121 -22.55 6.67 -26.22
C PRO A 121 -24.00 7.13 -26.24
N ALA A 122 -24.64 6.89 -27.38
CA ALA A 122 -26.09 6.88 -27.44
C ALA A 122 -26.61 5.62 -26.74
N GLU A 123 -27.58 5.81 -25.84
CA GLU A 123 -28.16 4.70 -25.09
C GLU A 123 -29.52 4.37 -25.69
N ARG A 124 -29.74 3.08 -25.95
CA ARG A 124 -30.99 2.62 -26.54
C ARG A 124 -31.51 1.41 -25.80
N ARG A 125 -32.82 1.36 -25.59
N ARG A 125 -32.83 1.37 -25.61
CA ARG A 125 -33.46 0.18 -25.02
CA ARG A 125 -33.52 0.20 -25.07
C ARG A 125 -33.88 -0.73 -26.17
C ARG A 125 -33.85 -0.71 -26.24
N LEU A 126 -33.24 -1.89 -26.27
CA LEU A 126 -33.47 -2.82 -27.34
C LEU A 126 -33.76 -4.20 -26.75
N PRO A 127 -34.67 -4.96 -27.35
CA PRO A 127 -34.82 -6.35 -26.93
C PRO A 127 -33.52 -7.09 -27.19
N LEU A 128 -33.16 -7.97 -26.26
CA LEU A 128 -31.91 -8.70 -26.40
C LEU A 128 -31.85 -9.45 -27.73
N SER A 129 -32.98 -10.03 -28.15
N SER A 129 -32.98 -10.00 -28.16
CA SER A 129 -33.05 -10.71 -29.44
CA SER A 129 -33.03 -10.73 -29.43
C SER A 129 -32.38 -9.89 -30.54
C SER A 129 -32.43 -9.90 -30.57
N PHE A 130 -32.75 -8.61 -30.63
CA PHE A 130 -32.20 -7.76 -31.68
C PHE A 130 -30.69 -7.65 -31.53
N VAL A 131 -30.21 -7.37 -30.31
CA VAL A 131 -28.75 -7.33 -30.11
C VAL A 131 -28.13 -8.63 -30.60
N LEU A 132 -28.76 -9.76 -30.30
CA LEU A 132 -28.20 -11.05 -30.71
C LEU A 132 -28.18 -11.18 -32.22
N ASP A 133 -29.26 -10.76 -32.89
CA ASP A 133 -29.28 -10.80 -34.35
C ASP A 133 -28.12 -10.00 -34.92
N VAL A 134 -27.88 -8.81 -34.38
CA VAL A 134 -26.79 -7.98 -34.88
C VAL A 134 -25.45 -8.68 -34.67
N LEU A 135 -25.24 -9.25 -33.49
CA LEU A 135 -23.98 -9.95 -33.22
C LEU A 135 -23.78 -11.11 -34.18
N GLU A 136 -24.84 -11.82 -34.53
CA GLU A 136 -24.74 -13.00 -35.37
C GLU A 136 -24.80 -12.68 -36.86
N GLY A 137 -24.88 -11.41 -37.23
CA GLY A 137 -24.98 -11.03 -38.62
C GLY A 137 -26.36 -11.20 -39.22
N ARG A 138 -27.37 -11.57 -38.44
CA ARG A 138 -28.73 -11.68 -38.95
C ARG A 138 -29.25 -10.34 -39.42
N ALA A 139 -28.96 -9.30 -38.66
CA ALA A 139 -29.48 -7.97 -38.91
C ALA A 139 -28.33 -7.00 -38.88
N GLN A 140 -28.55 -5.85 -39.53
CA GLN A 140 -27.57 -4.79 -39.57
C GLN A 140 -28.08 -3.63 -38.71
N HIS A 141 -27.14 -2.80 -38.26
CA HIS A 141 -27.46 -1.69 -37.42
C HIS A 141 -26.38 -0.65 -37.61
N PRO A 142 -26.72 0.64 -37.64
CA PRO A 142 -25.67 1.65 -37.78
C PRO A 142 -24.75 1.65 -36.57
N GLY A 143 -23.46 1.84 -36.85
CA GLY A 143 -22.49 1.93 -35.77
C GLY A 143 -22.27 0.59 -35.09
N VAL A 144 -21.89 0.67 -33.81
CA VAL A 144 -21.44 -0.47 -33.04
C VAL A 144 -22.25 -0.53 -31.76
N LEU A 145 -22.72 -1.73 -31.40
CA LEU A 145 -23.51 -1.96 -30.20
C LEU A 145 -22.64 -2.60 -29.11
N TYR A 146 -22.95 -2.26 -27.86
CA TYR A 146 -22.26 -2.85 -26.71
C TYR A 146 -23.21 -2.78 -25.52
N VAL A 147 -23.64 -3.93 -25.03
CA VAL A 147 -24.26 -3.99 -23.72
C VAL A 147 -23.16 -3.74 -22.69
N GLN A 148 -23.13 -2.53 -22.13
CA GLN A 148 -22.04 -2.10 -21.27
C GLN A 148 -22.52 -1.11 -20.21
N LYS A 149 -23.79 -1.19 -19.82
CA LYS A 149 -24.38 -0.18 -18.96
C LYS A 149 -23.63 -0.07 -17.63
N GLN A 150 -23.15 -1.19 -17.11
CA GLN A 150 -22.55 -1.23 -15.77
C GLN A 150 -23.67 -0.87 -14.77
N CYS A 151 -23.37 -0.14 -13.70
CA CYS A 151 -24.37 0.21 -12.68
C CYS A 151 -25.08 -1.04 -12.18
N SER A 152 -24.35 -2.16 -12.12
CA SER A 152 -24.90 -3.44 -11.71
C SER A 152 -26.05 -3.86 -12.66
N ASN A 153 -25.75 -3.87 -13.97
CA ASN A 153 -26.80 -4.09 -14.96
C ASN A 153 -27.26 -5.55 -15.03
N LEU A 154 -26.43 -6.50 -14.61
CA LEU A 154 -26.89 -7.89 -14.61
C LEU A 154 -28.10 -8.09 -13.70
N PRO A 155 -28.02 -7.81 -12.39
CA PRO A 155 -29.23 -7.93 -11.56
C PRO A 155 -30.34 -6.96 -11.93
N SER A 156 -30.00 -5.79 -12.49
CA SER A 156 -30.98 -4.75 -12.78
C SER A 156 -31.81 -5.07 -14.02
N GLU A 157 -31.18 -5.61 -15.06
CA GLU A 157 -31.82 -5.76 -16.36
C GLU A 157 -31.94 -7.21 -16.82
N LEU A 158 -31.08 -8.11 -16.34
CA LEU A 158 -31.17 -9.52 -16.71
C LEU A 158 -31.31 -10.39 -15.47
N PRO A 159 -32.29 -10.09 -14.62
CA PRO A 159 -32.44 -10.88 -13.38
C PRO A 159 -32.61 -12.37 -13.62
N GLN A 160 -33.31 -12.73 -14.69
CA GLN A 160 -33.58 -14.14 -14.98
C GLN A 160 -32.30 -14.95 -15.13
N LEU A 161 -31.15 -14.31 -15.34
CA LEU A 161 -29.88 -14.98 -15.51
C LEU A 161 -29.12 -15.19 -14.20
N LEU A 162 -29.58 -14.58 -13.11
CA LEU A 162 -28.86 -14.67 -11.84
C LEU A 162 -28.64 -16.10 -11.37
N PRO A 163 -29.63 -16.98 -11.35
CA PRO A 163 -29.40 -18.36 -10.85
C PRO A 163 -28.29 -19.10 -11.58
N ASP A 164 -27.81 -18.60 -12.71
CA ASP A 164 -26.76 -19.27 -13.47
C ASP A 164 -25.36 -18.93 -12.98
N LEU A 165 -25.23 -18.07 -11.97
CA LEU A 165 -23.92 -17.71 -11.43
C LEU A 165 -24.09 -17.29 -9.98
N GLU A 166 -22.96 -17.06 -9.32
CA GLU A 166 -22.95 -16.56 -7.96
C GLU A 166 -23.05 -15.04 -7.94
N SER A 167 -23.84 -14.52 -7.00
CA SER A 167 -23.97 -13.09 -6.80
C SER A 167 -22.68 -12.44 -6.28
N HIS A 168 -21.67 -13.22 -5.97
CA HIS A 168 -20.38 -12.68 -5.55
C HIS A 168 -19.35 -13.80 -5.62
N VAL A 169 -18.09 -13.42 -5.46
CA VAL A 169 -17.00 -14.39 -5.41
C VAL A 169 -16.67 -14.64 -3.94
N PRO A 170 -17.13 -15.74 -3.34
CA PRO A 170 -17.03 -15.89 -1.88
C PRO A 170 -15.64 -15.68 -1.31
N TRP A 171 -14.61 -16.33 -1.88
CA TRP A 171 -13.27 -16.19 -1.31
C TRP A 171 -12.76 -14.75 -1.43
N ALA A 172 -13.21 -14.03 -2.44
CA ALA A 172 -12.79 -12.64 -2.60
C ALA A 172 -13.56 -11.72 -1.66
N SER A 173 -14.85 -11.99 -1.46
CA SER A 173 -15.61 -11.20 -0.50
C SER A 173 -15.10 -11.41 0.91
N GLU A 174 -14.73 -12.65 1.25
CA GLU A 174 -14.15 -12.88 2.57
C GLU A 174 -12.82 -12.14 2.69
N ALA A 175 -11.98 -12.21 1.66
CA ALA A 175 -10.69 -11.53 1.70
C ALA A 175 -10.87 -10.03 1.94
N LEU A 176 -11.77 -9.41 1.19
CA LEU A 176 -11.94 -7.96 1.25
C LEU A 176 -12.86 -7.53 2.38
N GLY A 177 -13.57 -8.46 3.01
CA GLY A 177 -14.44 -8.11 4.11
C GLY A 177 -15.71 -7.40 3.70
N LYS A 178 -16.14 -7.56 2.46
CA LYS A 178 -17.31 -6.84 1.99
C LYS A 178 -17.87 -7.54 0.77
N MET A 179 -19.12 -7.28 0.51
CA MET A 179 -19.80 -7.78 -0.66
C MET A 179 -19.59 -6.84 -1.84
N PRO A 180 -19.77 -7.32 -3.06
CA PRO A 180 -19.54 -6.45 -4.22
C PRO A 180 -20.50 -5.28 -4.26
N ASP A 181 -19.99 -4.15 -4.72
CA ASP A 181 -20.76 -2.94 -4.93
C ASP A 181 -21.55 -2.99 -6.25
N ALA A 182 -21.13 -3.85 -7.18
CA ALA A 182 -21.79 -3.94 -8.47
C ALA A 182 -21.51 -5.30 -9.10
N VAL A 183 -22.47 -5.79 -9.87
CA VAL A 183 -22.29 -6.97 -10.72
C VAL A 183 -22.77 -6.60 -12.12
N ASN A 184 -21.86 -6.61 -13.07
CA ASN A 184 -22.13 -6.09 -14.41
C ASN A 184 -22.05 -7.18 -15.46
N PHE A 185 -22.88 -7.03 -16.48
CA PHE A 185 -22.98 -7.94 -17.61
C PHE A 185 -22.42 -7.22 -18.83
N TRP A 186 -21.57 -7.91 -19.59
CA TRP A 186 -20.91 -7.33 -20.75
C TRP A 186 -21.15 -8.20 -21.97
N LEU A 187 -21.67 -7.60 -23.04
CA LEU A 187 -21.94 -8.33 -24.28
C LEU A 187 -21.87 -7.34 -25.42
N GLY A 188 -20.82 -7.45 -26.25
CA GLY A 188 -20.56 -6.44 -27.26
C GLY A 188 -20.04 -7.05 -28.54
N GLU A 189 -19.91 -6.18 -29.54
CA GLU A 189 -19.29 -6.51 -30.80
C GLU A 189 -17.78 -6.40 -30.70
N ALA A 190 -17.09 -7.08 -31.62
CA ALA A 190 -15.63 -7.02 -31.66
C ALA A 190 -15.13 -5.58 -31.84
N ALA A 191 -15.88 -4.73 -32.53
CA ALA A 191 -15.44 -3.33 -32.68
C ALA A 191 -15.67 -2.49 -31.42
N ALA A 192 -16.35 -3.01 -30.40
CA ALA A 192 -16.65 -2.23 -29.21
C ALA A 192 -15.45 -2.31 -28.27
N VAL A 193 -14.67 -1.23 -28.23
CA VAL A 193 -13.40 -1.17 -27.51
C VAL A 193 -13.57 -0.23 -26.31
N THR A 194 -13.07 -0.66 -25.16
CA THR A 194 -13.04 0.19 -23.97
C THR A 194 -11.68 0.88 -23.87
N SER A 195 -11.70 2.20 -23.84
N SER A 195 -11.70 2.20 -23.86
CA SER A 195 -10.49 2.99 -23.88
CA SER A 195 -10.47 2.98 -23.89
C SER A 195 -9.79 2.99 -22.51
C SER A 195 -9.80 3.01 -22.52
N LEU A 196 -8.53 3.41 -22.52
CA LEU A 196 -7.73 3.41 -21.32
C LEU A 196 -8.33 4.29 -20.22
N HIS A 197 -8.44 3.72 -19.02
CA HIS A 197 -9.04 4.37 -17.86
C HIS A 197 -8.68 3.54 -16.64
N LYS A 198 -8.99 4.08 -15.46
CA LYS A 198 -8.83 3.34 -14.22
C LYS A 198 -10.08 3.50 -13.36
N ASP A 199 -10.32 2.52 -12.50
CA ASP A 199 -11.49 2.48 -11.63
C ASP A 199 -11.03 2.41 -10.18
N HIS A 200 -11.83 2.96 -9.27
CA HIS A 200 -11.52 2.84 -7.84
C HIS A 200 -12.17 1.61 -7.24
N TYR A 201 -12.12 0.48 -7.95
CA TYR A 201 -12.70 -0.77 -7.50
C TYR A 201 -11.68 -1.88 -7.65
N GLU A 202 -11.76 -2.85 -6.74
CA GLU A 202 -11.18 -4.16 -6.99
C GLU A 202 -12.13 -4.92 -7.91
N ASN A 203 -11.59 -5.43 -9.01
CA ASN A 203 -12.39 -6.00 -10.08
C ASN A 203 -12.06 -7.48 -10.22
N LEU A 204 -13.08 -8.32 -10.15
CA LEU A 204 -12.97 -9.72 -10.54
C LEU A 204 -13.75 -9.88 -11.83
N TYR A 205 -13.04 -10.02 -12.93
CA TYR A 205 -13.61 -9.98 -14.26
C TYR A 205 -13.67 -11.39 -14.83
N CYS A 206 -14.88 -11.87 -15.10
CA CYS A 206 -15.13 -13.26 -15.44
C CYS A 206 -15.60 -13.37 -16.88
N VAL A 207 -14.83 -14.07 -17.71
CA VAL A 207 -15.21 -14.32 -19.09
C VAL A 207 -15.94 -15.66 -19.17
N VAL A 208 -17.21 -15.62 -19.58
CA VAL A 208 -18.02 -16.82 -19.72
C VAL A 208 -17.89 -17.42 -21.11
N SER A 209 -17.71 -16.59 -22.14
CA SER A 209 -17.64 -17.06 -23.50
C SER A 209 -16.85 -16.07 -24.35
N GLY A 210 -16.00 -16.60 -25.23
CA GLY A 210 -15.17 -15.76 -26.08
C GLY A 210 -13.89 -15.41 -25.35
N GLU A 211 -13.32 -14.24 -25.70
CA GLU A 211 -12.17 -13.79 -24.94
C GLU A 211 -12.04 -12.27 -24.97
N LYS A 212 -11.34 -11.78 -23.95
CA LYS A 212 -11.08 -10.37 -23.72
C LYS A 212 -9.59 -10.13 -23.78
N HIS A 213 -9.18 -9.03 -24.40
CA HIS A 213 -7.76 -8.69 -24.47
C HIS A 213 -7.54 -7.40 -23.70
N PHE A 214 -6.79 -7.52 -22.61
CA PHE A 214 -6.53 -6.45 -21.68
C PHE A 214 -5.12 -5.91 -21.91
N LEU A 215 -5.00 -4.60 -22.01
CA LEU A 215 -3.73 -3.91 -21.87
C LEU A 215 -3.76 -3.13 -20.55
N PHE A 216 -2.71 -3.30 -19.75
CA PHE A 216 -2.61 -2.68 -18.43
C PHE A 216 -1.47 -1.68 -18.37
N HIS A 217 -1.66 -0.64 -17.56
CA HIS A 217 -0.54 0.08 -16.98
C HIS A 217 -0.75 0.09 -15.47
N PRO A 218 0.30 -0.15 -14.69
CA PRO A 218 0.17 -0.04 -13.25
C PRO A 218 -0.04 1.42 -12.86
N PRO A 219 -0.61 1.68 -11.68
CA PRO A 219 -0.82 3.08 -11.27
C PRO A 219 0.45 3.90 -11.29
N SER A 220 1.58 3.29 -10.95
CA SER A 220 2.85 3.98 -10.92
C SER A 220 3.31 4.46 -12.30
N ASP A 221 2.63 4.08 -13.38
CA ASP A 221 2.95 4.66 -14.69
C ASP A 221 2.33 6.03 -14.88
N ARG A 222 1.53 6.51 -13.91
CA ARG A 222 0.83 7.78 -14.05
C ARG A 222 1.68 8.92 -14.59
N PRO A 223 2.93 9.11 -14.18
CA PRO A 223 3.70 10.26 -14.70
C PRO A 223 3.83 10.29 -16.22
N PHE A 224 3.63 9.16 -16.89
CA PHE A 224 3.82 9.04 -18.32
C PHE A 224 2.53 8.81 -19.05
N ILE A 225 1.40 8.87 -18.35
N ILE A 225 1.41 8.81 -18.33
CA ILE A 225 0.09 8.69 -18.95
CA ILE A 225 0.07 8.71 -18.92
C ILE A 225 -0.56 10.06 -19.07
C ILE A 225 -0.48 10.12 -19.07
N PRO A 226 -0.85 10.56 -20.27
CA PRO A 226 -1.39 11.91 -20.41
C PRO A 226 -2.88 12.00 -20.11
N TYR A 227 -3.26 13.12 -19.51
CA TYR A 227 -4.64 13.43 -19.16
C TYR A 227 -4.95 14.82 -19.66
N GLU A 228 -6.17 15.03 -20.16
CA GLU A 228 -6.61 16.37 -20.56
C GLU A 228 -8.08 16.53 -20.24
N LEU A 229 -8.49 17.78 -20.14
CA LEU A 229 -9.89 18.13 -19.91
C LEU A 229 -10.61 18.30 -21.24
N TYR A 230 -11.77 17.69 -21.35
CA TYR A 230 -12.57 17.70 -22.57
C TYR A 230 -13.98 18.11 -22.24
N THR A 231 -14.58 18.90 -23.11
CA THR A 231 -15.99 19.18 -22.94
C THR A 231 -16.75 17.92 -23.33
N PRO A 232 -17.70 17.48 -22.51
CA PRO A 232 -18.39 16.23 -22.81
C PRO A 232 -19.47 16.41 -23.86
N ALA A 233 -19.69 15.35 -24.63
CA ALA A 233 -20.73 15.33 -25.64
C ALA A 233 -21.28 13.91 -25.70
N THR A 234 -22.39 13.76 -26.42
CA THR A 234 -23.08 12.49 -26.53
C THR A 234 -23.47 12.28 -27.99
N TYR A 235 -23.45 11.03 -28.43
CA TYR A 235 -23.91 10.69 -29.77
C TYR A 235 -25.42 10.62 -29.81
N GLN A 236 -26.00 11.14 -30.89
CA GLN A 236 -27.43 11.04 -31.17
C GLN A 236 -27.58 10.32 -32.50
N LEU A 237 -28.34 9.22 -32.49
CA LEU A 237 -28.63 8.47 -33.70
C LEU A 237 -29.80 9.13 -34.43
N THR A 238 -29.53 9.68 -35.62
CA THR A 238 -30.57 10.36 -36.37
C THR A 238 -31.60 9.37 -36.90
N GLU A 239 -32.68 9.91 -37.47
CA GLU A 239 -33.63 9.10 -38.21
C GLU A 239 -33.06 8.62 -39.54
N GLU A 240 -32.04 9.32 -40.06
CA GLU A 240 -31.41 8.96 -41.33
C GLU A 240 -30.35 7.88 -41.17
N GLY A 241 -30.15 7.34 -39.97
CA GLY A 241 -29.15 6.31 -39.75
C GLY A 241 -27.74 6.81 -39.55
N THR A 242 -27.56 8.06 -39.17
CA THR A 242 -26.24 8.63 -38.92
C THR A 242 -26.16 9.11 -37.47
N PHE A 243 -24.96 9.53 -37.09
CA PHE A 243 -24.70 9.97 -35.73
C PHE A 243 -24.35 11.44 -35.71
N LYS A 244 -24.99 12.17 -34.80
CA LYS A 244 -24.68 13.56 -34.51
C LYS A 244 -24.04 13.64 -33.13
N VAL A 245 -23.33 14.74 -32.90
CA VAL A 245 -22.69 15.01 -31.62
C VAL A 245 -23.44 16.14 -30.93
N VAL A 246 -23.96 15.87 -29.74
CA VAL A 246 -24.71 16.85 -28.95
C VAL A 246 -23.89 17.14 -27.70
N ASP A 247 -23.24 18.31 -27.67
CA ASP A 247 -22.53 18.74 -26.47
C ASP A 247 -23.45 18.71 -25.26
N GLU A 248 -22.90 18.27 -24.12
CA GLU A 248 -23.62 18.25 -22.85
C GLU A 248 -23.33 19.59 -22.15
N GLU A 249 -24.11 20.60 -22.53
CA GLU A 249 -23.85 21.96 -22.06
C GLU A 249 -23.86 22.05 -20.54
N ALA A 250 -24.80 21.38 -19.90
CA ALA A 250 -24.88 21.36 -18.43
C ALA A 250 -23.99 20.28 -17.81
N MET A 251 -22.76 20.14 -18.27
CA MET A 251 -21.83 19.15 -17.72
C MET A 251 -20.47 19.78 -17.52
N GLU A 252 -19.89 19.55 -16.35
CA GLU A 252 -18.50 19.93 -16.13
C GLU A 252 -17.59 19.12 -17.06
N LYS A 253 -16.48 19.74 -17.44
CA LYS A 253 -15.52 19.04 -18.28
C LYS A 253 -14.98 17.82 -17.55
N VAL A 254 -14.53 16.84 -18.31
CA VAL A 254 -14.18 15.52 -17.79
C VAL A 254 -12.73 15.25 -18.16
N PRO A 255 -11.85 14.93 -17.22
CA PRO A 255 -10.49 14.53 -17.58
C PRO A 255 -10.46 13.12 -18.13
N TRP A 256 -9.69 12.92 -19.18
CA TRP A 256 -9.61 11.61 -19.81
C TRP A 256 -8.27 11.48 -20.53
N ILE A 257 -7.92 10.24 -20.83
CA ILE A 257 -6.64 9.93 -21.47
C ILE A 257 -6.83 10.00 -22.98
N PRO A 258 -6.17 10.93 -23.67
CA PRO A 258 -6.35 11.07 -25.13
C PRO A 258 -5.67 10.00 -25.96
N LEU A 259 -4.84 9.17 -25.34
CA LEU A 259 -3.92 8.31 -26.07
C LEU A 259 -4.49 6.91 -26.23
N ASP A 260 -4.27 6.34 -27.41
CA ASP A 260 -4.57 4.92 -27.63
C ASP A 260 -3.33 4.13 -27.26
N PRO A 261 -3.35 3.33 -26.19
CA PRO A 261 -2.11 2.65 -25.77
C PRO A 261 -1.57 1.67 -26.81
N LEU A 262 -2.42 1.16 -27.68
CA LEU A 262 -1.98 0.24 -28.71
C LEU A 262 -1.44 0.95 -29.94
N ALA A 263 -1.83 2.20 -30.17
CA ALA A 263 -1.34 2.98 -31.30
C ALA A 263 -1.09 4.39 -30.78
N PRO A 264 -0.10 4.54 -29.90
CA PRO A 264 0.08 5.82 -29.21
C PRO A 264 0.63 6.89 -30.12
N ASP A 265 0.14 8.12 -29.93
CA ASP A 265 0.63 9.27 -30.69
C ASP A 265 1.83 9.83 -29.96
N LEU A 266 3.01 9.34 -30.35
CA LEU A 266 4.26 9.69 -29.68
C LEU A 266 4.78 11.08 -30.06
N ALA A 267 4.24 11.70 -31.11
CA ALA A 267 4.58 13.11 -31.37
C ALA A 267 3.89 14.01 -30.37
N ARG A 268 2.62 13.73 -30.05
CA ARG A 268 1.89 14.52 -29.07
C ARG A 268 2.25 14.15 -27.64
N TYR A 269 2.47 12.87 -27.35
CA TYR A 269 2.77 12.41 -25.98
C TYR A 269 4.03 11.54 -26.01
N PRO A 270 5.18 12.14 -26.31
CA PRO A 270 6.42 11.37 -26.39
C PRO A 270 6.81 10.66 -25.10
N SER A 271 6.50 11.25 -23.95
CA SER A 271 6.91 10.63 -22.69
C SER A 271 6.22 9.30 -22.46
N TYR A 272 5.15 9.00 -23.20
CA TYR A 272 4.44 7.75 -23.00
C TYR A 272 5.31 6.54 -23.35
N SER A 273 6.30 6.72 -24.23
CA SER A 273 7.27 5.65 -24.48
C SER A 273 7.97 5.18 -23.22
N GLN A 274 8.02 6.01 -22.17
CA GLN A 274 8.64 5.63 -20.92
C GLN A 274 7.72 4.83 -20.02
N ALA A 275 6.42 4.78 -20.33
CA ALA A 275 5.55 3.84 -19.65
C ALA A 275 5.78 2.45 -20.23
N GLN A 276 5.27 1.44 -19.53
CA GLN A 276 5.45 0.05 -19.98
C GLN A 276 4.14 -0.68 -19.77
N ALA A 277 3.55 -1.10 -20.87
CA ALA A 277 2.27 -1.79 -20.82
C ALA A 277 2.47 -3.26 -20.45
N LEU A 278 1.42 -3.83 -19.89
CA LEU A 278 1.38 -5.26 -19.57
C LEU A 278 0.07 -5.80 -20.12
N CYS A 279 0.16 -6.79 -21.00
CA CYS A 279 -1.00 -7.29 -21.73
C CYS A 279 -1.33 -8.71 -21.31
N CYS A 280 -2.61 -9.04 -21.40
CA CYS A 280 -3.03 -10.42 -21.20
C CYS A 280 -4.35 -10.66 -21.90
N THR A 281 -4.64 -11.94 -22.09
CA THR A 281 -5.90 -12.41 -22.65
C THR A 281 -6.60 -13.21 -21.57
N VAL A 282 -7.91 -13.00 -21.43
CA VAL A 282 -8.73 -13.77 -20.50
C VAL A 282 -9.74 -14.58 -21.31
N ARG A 283 -9.78 -15.88 -21.07
CA ARG A 283 -10.53 -16.80 -21.89
C ARG A 283 -11.73 -17.33 -21.13
N ALA A 284 -12.61 -18.01 -21.87
CA ALA A 284 -13.81 -18.58 -21.27
C ALA A 284 -13.43 -19.45 -20.09
N GLY A 285 -14.13 -19.26 -18.98
CA GLY A 285 -13.83 -19.99 -17.76
C GLY A 285 -12.79 -19.33 -16.86
N GLU A 286 -12.12 -18.28 -17.33
CA GLU A 286 -11.06 -17.65 -16.56
C GLU A 286 -11.56 -16.39 -15.88
N MET A 287 -11.00 -16.11 -14.71
CA MET A 287 -11.33 -14.93 -13.92
C MET A 287 -10.06 -14.08 -13.76
N LEU A 288 -10.16 -12.81 -14.09
CA LEU A 288 -9.05 -11.87 -13.96
C LEU A 288 -9.25 -11.03 -12.71
N TYR A 289 -8.22 -10.95 -11.87
CA TYR A 289 -8.18 -9.94 -10.82
C TYR A 289 -7.49 -8.70 -11.37
N LEU A 290 -8.27 -7.66 -11.60
CA LEU A 290 -7.75 -6.40 -12.09
C LEU A 290 -7.67 -5.43 -10.91
N PRO A 291 -6.48 -5.13 -10.39
CA PRO A 291 -6.41 -4.39 -9.13
C PRO A 291 -6.90 -2.96 -9.25
N ALA A 292 -7.29 -2.42 -8.11
CA ALA A 292 -7.79 -1.05 -8.05
C ALA A 292 -6.74 -0.06 -8.56
N LEU A 293 -7.21 0.91 -9.34
CA LEU A 293 -6.44 2.02 -9.89
C LEU A 293 -5.55 1.60 -11.04
N TRP A 294 -5.54 0.34 -11.43
CA TRP A 294 -4.79 -0.07 -12.61
C TRP A 294 -5.45 0.44 -13.88
N PHE A 295 -4.67 1.11 -14.71
CA PHE A 295 -5.16 1.58 -16.00
C PHE A 295 -5.41 0.38 -16.90
N HIS A 296 -6.59 0.31 -17.52
CA HIS A 296 -6.86 -0.79 -18.43
C HIS A 296 -7.60 -0.33 -19.66
N HIS A 297 -7.31 -1.05 -20.74
CA HIS A 297 -7.89 -0.89 -22.07
C HIS A 297 -8.35 -2.28 -22.49
N VAL A 298 -9.56 -2.39 -23.03
CA VAL A 298 -10.17 -3.71 -23.23
C VAL A 298 -10.69 -3.86 -24.65
N GLN A 299 -10.35 -4.99 -25.26
CA GLN A 299 -10.86 -5.44 -26.54
C GLN A 299 -11.52 -6.79 -26.33
N GLN A 300 -12.52 -7.10 -27.15
CA GLN A 300 -13.26 -8.35 -26.98
C GLN A 300 -13.46 -9.02 -28.32
N SER A 301 -13.71 -10.32 -28.25
CA SER A 301 -14.13 -11.05 -29.42
C SER A 301 -15.63 -10.82 -29.68
N GLN A 302 -16.02 -11.01 -30.93
CA GLN A 302 -17.40 -10.74 -31.32
C GLN A 302 -18.37 -11.55 -30.47
N GLY A 303 -19.29 -10.86 -29.79
CA GLY A 303 -20.25 -11.53 -28.94
C GLY A 303 -19.69 -12.09 -27.65
N CYS A 304 -18.52 -11.62 -27.21
CA CYS A 304 -17.97 -12.09 -25.93
C CYS A 304 -18.96 -11.84 -24.80
N ILE A 305 -19.09 -12.83 -23.91
CA ILE A 305 -19.99 -12.75 -22.77
C ILE A 305 -19.13 -12.70 -21.52
N ALA A 306 -19.27 -11.63 -20.74
CA ALA A 306 -18.49 -11.50 -19.51
C ALA A 306 -19.34 -10.90 -18.41
N VAL A 307 -18.91 -11.18 -17.19
CA VAL A 307 -19.51 -10.68 -15.97
C VAL A 307 -18.36 -10.21 -15.10
N ASN A 308 -18.53 -9.08 -14.41
CA ASN A 308 -17.51 -8.64 -13.48
C ASN A 308 -18.14 -8.17 -12.18
N PHE A 309 -17.37 -8.34 -11.11
CA PHE A 309 -17.75 -7.98 -9.75
C PHE A 309 -16.86 -6.84 -9.32
N TRP A 310 -17.48 -5.74 -8.89
CA TRP A 310 -16.76 -4.56 -8.42
C TRP A 310 -16.90 -4.47 -6.91
N TYR A 311 -15.76 -4.46 -6.22
CA TYR A 311 -15.69 -4.18 -4.79
C TYR A 311 -15.02 -2.84 -4.62
N ASP A 312 -15.67 -1.92 -3.91
CA ASP A 312 -15.03 -0.64 -3.66
C ASP A 312 -13.67 -0.88 -3.01
N MET A 313 -12.69 -0.10 -3.42
CA MET A 313 -11.35 -0.27 -2.88
C MET A 313 -11.30 0.31 -1.48
N GLU A 314 -10.22 0.00 -0.77
CA GLU A 314 -9.96 0.62 0.52
C GLU A 314 -9.18 1.91 0.32
N TYR A 315 -9.59 2.95 1.02
CA TYR A 315 -8.95 4.27 0.86
C TYR A 315 -7.91 4.41 1.97
N ASP A 316 -6.74 3.85 1.67
CA ASP A 316 -5.66 3.65 2.61
C ASP A 316 -4.41 4.37 2.13
N LEU A 317 -3.26 3.94 2.63
CA LEU A 317 -2.01 4.60 2.31
C LEU A 317 -1.69 4.51 0.83
N LYS A 318 -1.92 3.34 0.22
CA LYS A 318 -1.66 3.19 -1.20
C LYS A 318 -2.48 4.19 -2.01
N TYR A 319 -3.71 4.43 -1.60
CA TYR A 319 -4.56 5.39 -2.29
C TYR A 319 -4.04 6.80 -2.12
N SER A 320 -3.62 7.15 -0.89
CA SER A 320 -3.10 8.48 -0.63
C SER A 320 -1.82 8.72 -1.42
N TYR A 321 -0.98 7.70 -1.52
CA TYR A 321 0.26 7.83 -2.29
C TYR A 321 -0.04 8.05 -3.76
N PHE A 322 -1.02 7.36 -4.31
CA PHE A 322 -1.32 7.60 -5.72
C PHE A 322 -1.85 9.01 -5.92
N GLN A 323 -2.70 9.50 -5.02
CA GLN A 323 -3.17 10.87 -5.13
C GLN A 323 -2.01 11.85 -5.16
N LEU A 324 -1.03 11.66 -4.27
CA LEU A 324 0.14 12.53 -4.30
C LEU A 324 0.89 12.39 -5.61
N LEU A 325 1.10 11.15 -6.08
CA LEU A 325 1.77 10.96 -7.36
C LEU A 325 1.01 11.67 -8.48
N ASP A 326 -0.32 11.57 -8.44
CA ASP A 326 -1.16 12.19 -9.47
C ASP A 326 -1.05 13.72 -9.43
N SER A 327 -1.19 14.30 -8.24
CA SER A 327 -1.06 15.74 -8.09
C SER A 327 0.35 16.22 -8.48
N LEU A 328 1.38 15.48 -8.07
CA LEU A 328 2.73 15.92 -8.38
C LEU A 328 3.02 15.82 -9.87
N THR A 329 2.44 14.84 -10.55
CA THR A 329 2.59 14.75 -12.00
C THR A 329 2.08 16.01 -12.68
N LYS A 330 0.89 16.47 -12.31
CA LYS A 330 0.35 17.72 -12.83
C LYS A 330 1.16 18.92 -12.35
N ALA A 331 1.38 19.00 -11.03
CA ALA A 331 2.05 20.17 -10.45
C ALA A 331 3.44 20.38 -11.04
N SER A 332 4.19 19.30 -11.28
CA SER A 332 5.55 19.45 -11.79
C SER A 332 5.60 19.74 -13.28
N GLY A 333 4.47 19.67 -13.98
CA GLY A 333 4.46 19.87 -15.41
C GLY A 333 4.82 18.67 -16.25
N LEU A 334 4.82 17.47 -15.66
CA LEU A 334 5.03 16.25 -16.45
C LEU A 334 3.77 15.84 -17.19
N ASP A 335 2.61 16.31 -16.73
CA ASP A 335 1.36 16.13 -17.45
C ASP A 335 0.88 17.52 -17.85
N SER B 18 13.00 31.18 -14.50
CA SER B 18 11.67 31.43 -15.02
C SER B 18 10.67 31.58 -13.89
N HIS B 19 9.68 32.42 -14.09
CA HIS B 19 8.64 32.62 -13.09
C HIS B 19 7.68 31.45 -13.13
N MET B 20 7.39 30.94 -14.32
CA MET B 20 6.53 29.76 -14.39
C MET B 20 7.19 28.57 -13.70
N ALA B 21 8.51 28.40 -13.89
CA ALA B 21 9.23 27.33 -13.21
C ALA B 21 9.11 27.46 -11.69
N GLU B 22 9.26 28.68 -11.18
CA GLU B 22 9.13 28.90 -9.74
C GLU B 22 7.72 28.57 -9.26
N ALA B 23 6.70 28.84 -10.07
CA ALA B 23 5.33 28.53 -9.66
C ALA B 23 5.11 27.02 -9.61
N ALA B 24 5.72 26.28 -10.54
CA ALA B 24 5.60 24.83 -10.52
C ALA B 24 6.26 24.24 -9.28
N LEU B 25 7.39 24.82 -8.87
CA LEU B 25 8.11 24.30 -7.71
C LEU B 25 7.34 24.57 -6.42
N GLU B 26 6.71 25.74 -6.32
CA GLU B 26 5.92 26.03 -5.13
C GLU B 26 4.66 25.18 -5.09
N ALA B 27 4.12 24.82 -6.25
CA ALA B 27 2.99 23.90 -6.28
C ALA B 27 3.41 22.50 -5.83
N VAL B 28 4.61 22.06 -6.22
CA VAL B 28 5.13 20.78 -5.74
C VAL B 28 5.32 20.82 -4.23
N ARG B 29 6.03 21.83 -3.74
CA ARG B 29 6.28 21.93 -2.31
C ARG B 29 4.97 21.99 -1.53
N SER B 30 3.99 22.71 -2.08
CA SER B 30 2.68 22.77 -1.45
C SER B 30 2.03 21.40 -1.37
N GLU B 31 2.10 20.60 -2.43
CA GLU B 31 1.48 19.29 -2.41
C GLU B 31 2.17 18.38 -1.39
N LEU B 32 3.50 18.40 -1.37
CA LEU B 32 4.23 17.64 -0.37
C LEU B 32 3.84 18.04 1.04
N ARG B 33 3.66 19.35 1.28
CA ARG B 33 3.33 19.81 2.63
C ARG B 33 1.91 19.44 3.01
N GLU B 34 1.02 19.29 2.03
CA GLU B 34 -0.37 18.92 2.30
C GLU B 34 -0.51 17.44 2.54
N PHE B 35 0.41 16.65 1.99
CA PHE B 35 0.27 15.20 2.03
C PHE B 35 0.21 14.64 3.44
N PRO B 36 1.04 15.06 4.39
CA PRO B 36 0.95 14.43 5.72
C PRO B 36 -0.41 14.59 6.39
N ALA B 37 -1.05 15.74 6.22
CA ALA B 37 -2.38 15.91 6.79
C ALA B 37 -3.42 15.11 6.03
N ALA B 38 -3.33 15.08 4.70
CA ALA B 38 -4.26 14.29 3.91
C ALA B 38 -4.13 12.82 4.26
N ALA B 39 -2.89 12.33 4.33
CA ALA B 39 -2.66 10.93 4.63
C ALA B 39 -3.12 10.56 6.04
N ARG B 40 -2.87 11.41 7.04
CA ARG B 40 -3.25 11.01 8.39
C ARG B 40 -4.77 11.03 8.58
N GLU B 41 -5.48 11.87 7.83
CA GLU B 41 -6.93 11.89 7.93
C GLU B 41 -7.53 10.57 7.44
N LEU B 42 -6.96 9.99 6.39
CA LEU B 42 -7.46 8.71 5.86
C LEU B 42 -6.90 7.52 6.63
N CYS B 43 -5.62 7.54 6.98
CA CYS B 43 -4.90 6.32 7.33
C CYS B 43 -4.44 6.21 8.77
N VAL B 44 -4.45 7.29 9.54
CA VAL B 44 -3.77 7.30 10.83
C VAL B 44 -4.79 7.56 11.94
N PRO B 45 -4.88 6.70 12.95
CA PRO B 45 -5.85 6.92 14.04
C PRO B 45 -5.42 8.03 14.99
N LEU B 46 -6.42 8.59 15.68
CA LEU B 46 -6.16 9.63 16.68
C LEU B 46 -5.48 9.04 17.91
N ALA B 47 -5.78 7.78 18.21
CA ALA B 47 -5.18 7.06 19.32
C ALA B 47 -4.94 5.63 18.88
N VAL B 48 -3.87 5.02 19.40
CA VAL B 48 -3.60 3.64 19.02
C VAL B 48 -4.73 2.75 19.54
N PRO B 49 -5.39 1.99 18.67
CA PRO B 49 -6.52 1.17 19.13
C PRO B 49 -6.07 -0.11 19.79
N TYR B 50 -6.97 -0.66 20.61
CA TYR B 50 -6.75 -1.90 21.32
C TYR B 50 -7.62 -3.01 20.72
N LEU B 51 -7.05 -4.21 20.65
CA LEU B 51 -7.82 -5.43 20.40
C LEU B 51 -7.92 -6.23 21.69
N ASP B 52 -9.13 -6.76 21.96
CA ASP B 52 -9.37 -7.52 23.18
C ASP B 52 -8.77 -8.91 23.15
N LYS B 53 -8.43 -9.41 21.96
CA LYS B 53 -7.85 -10.74 21.82
C LYS B 53 -7.11 -10.77 20.50
N PRO B 54 -6.29 -11.79 20.27
CA PRO B 54 -5.54 -11.86 19.02
C PRO B 54 -6.47 -11.96 17.82
N PRO B 55 -6.17 -11.27 16.73
CA PRO B 55 -6.98 -11.35 15.52
C PRO B 55 -6.69 -12.61 14.71
N THR B 56 -7.57 -12.90 13.76
CA THR B 56 -7.26 -13.90 12.78
C THR B 56 -6.13 -13.41 11.87
N PRO B 57 -5.38 -14.32 11.24
CA PRO B 57 -4.35 -13.87 10.29
C PRO B 57 -4.88 -12.92 9.24
N LEU B 58 -6.02 -13.25 8.62
CA LEU B 58 -6.59 -12.38 7.59
C LEU B 58 -6.95 -11.02 8.15
N HIS B 59 -7.65 -11.00 9.29
CA HIS B 59 -7.97 -9.74 9.95
C HIS B 59 -6.70 -8.95 10.26
N PHE B 60 -5.65 -9.64 10.69
CA PHE B 60 -4.42 -8.92 10.99
C PHE B 60 -3.85 -8.31 9.74
N TYR B 61 -3.86 -9.05 8.63
CA TYR B 61 -3.28 -8.49 7.41
C TYR B 61 -4.13 -7.35 6.88
N ARG B 62 -5.45 -7.51 6.88
CA ARG B 62 -6.32 -6.53 6.25
C ARG B 62 -6.54 -5.30 7.12
N ASP B 63 -6.70 -5.49 8.43
CA ASP B 63 -7.00 -4.35 9.29
C ASP B 63 -5.76 -3.56 9.70
N TRP B 64 -4.58 -4.18 9.73
CA TRP B 64 -3.44 -3.50 10.33
C TRP B 64 -2.20 -3.52 9.44
N VAL B 65 -1.82 -4.68 8.91
CA VAL B 65 -0.56 -4.79 8.19
C VAL B 65 -0.64 -4.05 6.85
N CYS B 66 -1.54 -4.47 5.96
CA CYS B 66 -1.62 -3.81 4.66
C CYS B 66 -1.89 -2.32 4.80
N PRO B 67 -2.87 -1.87 5.59
CA PRO B 67 -3.01 -0.42 5.81
C PRO B 67 -1.86 0.21 6.61
N ASN B 68 -0.95 -0.60 7.16
CA ASN B 68 0.27 -0.05 7.75
C ASN B 68 -0.05 0.83 8.96
N ARG B 69 -0.87 0.32 9.88
CA ARG B 69 -1.29 1.11 11.01
C ARG B 69 -1.22 0.33 12.32
N PRO B 70 -0.86 1.01 13.41
CA PRO B 70 -0.52 0.31 14.64
C PRO B 70 -1.75 -0.07 15.45
N CYS B 71 -1.59 -1.10 16.27
CA CYS B 71 -2.58 -1.45 17.27
C CYS B 71 -1.88 -2.12 18.44
N ILE B 72 -2.57 -2.20 19.56
CA ILE B 72 -2.12 -2.96 20.72
C ILE B 72 -3.07 -4.14 20.91
N ILE B 73 -2.51 -5.34 21.00
CA ILE B 73 -3.30 -6.55 21.20
C ILE B 73 -3.21 -6.96 22.65
N ARG B 74 -4.38 -7.10 23.28
CA ARG B 74 -4.46 -7.61 24.64
C ARG B 74 -4.68 -9.11 24.63
N ASN B 75 -4.28 -9.74 25.72
CA ASN B 75 -4.56 -11.16 25.95
C ASN B 75 -3.94 -12.05 24.88
N ALA B 76 -2.77 -11.65 24.36
CA ALA B 76 -2.04 -12.42 23.37
C ALA B 76 -0.85 -13.18 23.97
N LEU B 77 -0.52 -12.96 25.24
CA LEU B 77 0.66 -13.56 25.86
C LEU B 77 0.30 -14.53 26.98
N GLN B 78 -0.93 -15.06 26.96
CA GLN B 78 -1.39 -15.92 28.04
C GLN B 78 -0.70 -17.27 28.05
N HIS B 79 -0.16 -17.71 26.92
CA HIS B 79 0.55 -18.98 26.87
C HIS B 79 2.01 -18.86 27.30
N TRP B 80 2.46 -17.66 27.69
CA TRP B 80 3.86 -17.43 28.01
C TRP B 80 4.10 -17.64 29.50
N PRO B 81 4.78 -18.69 29.92
CA PRO B 81 5.23 -18.74 31.32
C PRO B 81 5.94 -17.46 31.75
N ALA B 82 6.60 -16.78 30.82
CA ALA B 82 7.32 -15.55 31.14
C ALA B 82 6.43 -14.53 31.81
N LEU B 83 5.13 -14.56 31.52
CA LEU B 83 4.26 -13.49 32.01
C LEU B 83 4.04 -13.57 33.51
N GLN B 84 4.12 -14.77 34.08
CA GLN B 84 4.01 -14.95 35.53
C GLN B 84 5.38 -14.95 36.21
N LYS B 85 6.40 -15.53 35.56
CA LYS B 85 7.67 -15.80 36.23
C LYS B 85 8.66 -14.64 36.13
N TRP B 86 8.73 -13.96 34.98
CA TRP B 86 9.88 -13.09 34.73
C TRP B 86 9.91 -11.89 35.68
N SER B 87 11.09 -11.66 36.23
CA SER B 87 11.38 -10.56 37.13
C SER B 87 12.89 -10.53 37.32
N LEU B 88 13.38 -9.45 37.91
CA LEU B 88 14.82 -9.35 38.15
C LEU B 88 15.34 -10.45 39.05
N PRO B 89 14.71 -10.77 40.20
CA PRO B 89 15.18 -11.91 41.00
C PRO B 89 15.12 -13.24 40.27
N TYR B 90 14.03 -13.48 39.54
CA TYR B 90 13.94 -14.70 38.74
C TYR B 90 15.07 -14.78 37.72
N PHE B 91 15.40 -13.67 37.06
CA PHE B 91 16.52 -13.68 36.14
C PHE B 91 17.81 -14.00 36.88
N ARG B 92 18.02 -13.37 38.03
CA ARG B 92 19.23 -13.63 38.80
C ARG B 92 19.39 -15.13 39.05
N ALA B 93 18.30 -15.79 39.46
CA ALA B 93 18.36 -17.23 39.72
C ALA B 93 18.64 -18.03 38.46
N THR B 94 18.02 -17.65 37.34
CA THR B 94 18.02 -18.50 36.16
C THR B 94 19.19 -18.23 35.21
N VAL B 95 19.56 -16.98 34.99
CA VAL B 95 20.58 -16.65 33.99
C VAL B 95 21.48 -15.53 34.51
N GLY B 96 21.55 -15.39 35.83
CA GLY B 96 22.29 -14.28 36.41
C GLY B 96 23.76 -14.28 36.05
N SER B 97 24.34 -15.45 35.86
CA SER B 97 25.77 -15.55 35.54
C SER B 97 26.04 -15.52 34.05
N THR B 98 25.01 -15.38 33.21
CA THR B 98 25.21 -15.38 31.77
C THR B 98 25.79 -14.04 31.31
N GLU B 99 26.80 -14.12 30.46
CA GLU B 99 27.42 -12.93 29.88
C GLU B 99 26.57 -12.41 28.73
N VAL B 100 26.30 -11.11 28.73
CA VAL B 100 25.47 -10.51 27.69
C VAL B 100 26.11 -9.21 27.22
N SER B 101 25.83 -8.86 25.96
CA SER B 101 26.22 -7.56 25.45
C SER B 101 25.36 -6.48 26.09
N VAL B 102 26.01 -5.49 26.70
CA VAL B 102 25.33 -4.38 27.35
C VAL B 102 25.77 -3.10 26.67
N ALA B 103 24.80 -2.26 26.30
CA ALA B 103 25.11 -0.94 25.77
C ALA B 103 25.27 0.04 26.92
N VAL B 104 26.27 0.91 26.81
CA VAL B 104 26.54 1.92 27.84
C VAL B 104 26.76 3.28 27.19
N THR B 105 26.13 4.30 27.76
CA THR B 105 26.25 5.68 27.31
C THR B 105 26.33 6.58 28.52
N PRO B 106 26.88 7.80 28.38
CA PRO B 106 26.91 8.72 29.51
C PRO B 106 25.54 9.21 29.95
N ASP B 107 24.58 9.33 29.03
CA ASP B 107 23.33 10.05 29.29
C ASP B 107 22.07 9.25 28.98
N GLY B 108 22.19 8.02 28.50
CA GLY B 108 21.03 7.22 28.17
C GLY B 108 20.57 7.28 26.72
N TYR B 109 21.30 7.96 25.85
CA TYR B 109 20.91 8.12 24.45
C TYR B 109 21.92 7.39 23.57
N ALA B 110 21.64 6.10 23.34
CA ALA B 110 22.40 5.32 22.38
C ALA B 110 21.79 5.46 20.99
N ASP B 111 22.65 5.45 19.97
CA ASP B 111 22.22 5.62 18.59
C ASP B 111 21.38 6.90 18.45
N ALA B 112 22.05 8.02 18.68
CA ALA B 112 21.38 9.31 18.78
C ALA B 112 22.39 10.40 18.44
N VAL B 113 21.87 11.51 17.92
CA VAL B 113 22.72 12.66 17.60
C VAL B 113 23.10 13.36 18.89
N ARG B 114 24.40 13.50 19.12
CA ARG B 114 24.95 14.23 20.27
C ARG B 114 25.95 15.23 19.73
N GLY B 115 25.56 16.51 19.71
CA GLY B 115 26.40 17.53 19.13
C GLY B 115 26.53 17.37 17.64
N ASP B 116 27.77 17.24 17.15
CA ASP B 116 28.05 17.07 15.74
C ASP B 116 28.40 15.63 15.39
N ARG B 117 27.86 14.66 16.11
CA ARG B 117 28.14 13.27 15.79
C ARG B 117 26.93 12.38 16.06
N PHE B 118 26.82 11.32 15.25
CA PHE B 118 25.92 10.22 15.54
C PHE B 118 26.63 9.29 16.50
N MET B 119 26.13 9.19 17.73
CA MET B 119 26.82 8.45 18.78
C MET B 119 26.26 7.04 18.88
N MET B 120 27.11 6.11 18.78
CA MET B 120 26.83 4.71 19.05
C MET B 120 27.32 4.35 20.45
N PRO B 121 26.69 3.42 21.14
CA PRO B 121 27.05 3.16 22.54
C PRO B 121 28.35 2.39 22.67
N ALA B 122 28.89 2.43 23.87
CA ALA B 122 29.94 1.50 24.26
C ALA B 122 29.28 0.16 24.54
N GLU B 123 29.77 -0.89 23.88
CA GLU B 123 29.28 -2.23 24.12
C GLU B 123 30.25 -2.93 25.07
N ARG B 124 29.71 -3.49 26.14
CA ARG B 124 30.48 -4.15 27.18
C ARG B 124 29.88 -5.52 27.41
N ARG B 125 30.74 -6.51 27.58
CA ARG B 125 30.30 -7.87 27.89
C ARG B 125 30.34 -8.04 29.40
N LEU B 126 29.17 -8.24 30.00
CA LEU B 126 29.05 -8.26 31.45
C LEU B 126 28.08 -9.37 31.85
N PRO B 127 28.26 -9.96 33.02
CA PRO B 127 27.27 -10.92 33.50
C PRO B 127 25.96 -10.21 33.76
N LEU B 128 24.86 -10.90 33.50
CA LEU B 128 23.56 -10.26 33.64
C LEU B 128 23.31 -9.83 35.08
N SER B 129 23.91 -10.54 36.04
CA SER B 129 23.75 -10.16 37.45
C SER B 129 24.23 -8.74 37.73
N PHE B 130 25.25 -8.26 37.01
CA PHE B 130 25.69 -6.89 37.23
C PHE B 130 24.64 -5.90 36.74
N VAL B 131 23.99 -6.21 35.61
CA VAL B 131 22.90 -5.36 35.14
C VAL B 131 21.79 -5.31 36.18
N LEU B 132 21.44 -6.49 36.74
CA LEU B 132 20.40 -6.52 37.76
C LEU B 132 20.82 -5.71 38.99
N ASP B 133 22.09 -5.81 39.37
CA ASP B 133 22.60 -5.01 40.48
C ASP B 133 22.38 -3.51 40.23
N VAL B 134 22.78 -3.03 39.04
CA VAL B 134 22.60 -1.62 38.74
C VAL B 134 21.13 -1.24 38.78
N LEU B 135 20.28 -2.06 38.17
CA LEU B 135 18.85 -1.75 38.10
C LEU B 135 18.21 -1.71 39.49
N GLU B 136 18.65 -2.61 40.37
CA GLU B 136 18.09 -2.70 41.71
C GLU B 136 18.77 -1.73 42.68
N GLY B 137 19.66 -0.87 42.20
CA GLY B 137 20.38 0.05 43.05
C GLY B 137 21.42 -0.59 43.94
N ARG B 138 21.70 -1.88 43.77
CA ARG B 138 22.72 -2.55 44.56
C ARG B 138 24.12 -2.13 44.16
N ALA B 139 24.30 -1.59 42.95
CA ALA B 139 25.62 -1.18 42.48
C ALA B 139 25.49 0.10 41.67
N GLN B 140 26.64 0.71 41.43
CA GLN B 140 26.75 1.95 40.67
C GLN B 140 27.69 1.73 39.51
N HIS B 141 27.37 2.35 38.38
CA HIS B 141 28.12 2.20 37.14
C HIS B 141 28.13 3.57 36.47
N PRO B 142 29.20 3.92 35.75
CA PRO B 142 29.18 5.19 35.02
C PRO B 142 28.17 5.13 33.88
N GLY B 143 27.34 6.16 33.78
CA GLY B 143 26.42 6.26 32.67
C GLY B 143 25.14 5.47 32.86
N VAL B 144 24.56 5.04 31.74
CA VAL B 144 23.25 4.41 31.72
C VAL B 144 23.38 3.07 31.03
N LEU B 145 22.81 2.03 31.65
CA LEU B 145 22.86 0.67 31.11
C LEU B 145 21.56 0.34 30.39
N TYR B 146 21.69 -0.43 29.32
CA TYR B 146 20.55 -0.94 28.56
C TYR B 146 21.00 -2.21 27.86
N VAL B 147 20.31 -3.32 28.10
CA VAL B 147 20.50 -4.52 27.30
C VAL B 147 19.61 -4.36 26.07
N GLN B 148 20.22 -3.97 24.95
CA GLN B 148 19.48 -3.56 23.75
C GLN B 148 20.06 -4.14 22.47
N LYS B 149 20.94 -5.13 22.55
CA LYS B 149 21.80 -5.47 21.42
C LYS B 149 21.02 -5.78 20.16
N GLN B 150 19.80 -6.29 20.29
CA GLN B 150 18.99 -6.74 19.13
C GLN B 150 19.76 -7.89 18.48
N CYS B 151 19.75 -8.00 17.15
CA CYS B 151 20.45 -9.08 16.44
C CYS B 151 20.00 -10.44 16.97
N SER B 152 18.72 -10.54 17.32
CA SER B 152 18.16 -11.79 17.84
C SER B 152 18.94 -12.26 19.06
N ASN B 153 19.11 -11.36 20.04
CA ASN B 153 19.95 -11.64 21.19
C ASN B 153 19.28 -12.57 22.21
N LEU B 154 17.99 -12.85 22.07
CA LEU B 154 17.33 -13.69 23.07
C LEU B 154 17.71 -15.15 22.85
N PRO B 155 17.61 -15.70 21.63
CA PRO B 155 18.14 -17.06 21.42
C PRO B 155 19.66 -17.11 21.45
N SER B 156 20.34 -16.03 21.05
CA SER B 156 21.79 -16.07 20.92
C SER B 156 22.49 -15.97 22.27
N GLU B 157 22.04 -15.06 23.14
CA GLU B 157 22.72 -14.84 24.41
C GLU B 157 21.97 -15.39 25.61
N LEU B 158 20.65 -15.53 25.53
CA LEU B 158 19.84 -16.04 26.66
C LEU B 158 18.97 -17.24 26.25
N PRO B 159 19.56 -18.28 25.66
CA PRO B 159 18.76 -19.46 25.31
C PRO B 159 18.06 -20.12 26.48
N GLN B 160 18.56 -19.97 27.71
CA GLN B 160 17.89 -20.59 28.85
C GLN B 160 16.48 -20.05 29.05
N LEU B 161 16.16 -18.89 28.47
CA LEU B 161 14.87 -18.28 28.66
C LEU B 161 13.85 -18.70 27.62
N LEU B 162 14.27 -19.32 26.53
CA LEU B 162 13.36 -19.68 25.45
C LEU B 162 12.14 -20.47 25.93
N PRO B 163 12.24 -21.40 26.87
CA PRO B 163 11.04 -22.12 27.31
C PRO B 163 9.94 -21.21 27.85
N ASP B 164 10.30 -20.01 28.30
CA ASP B 164 9.34 -19.13 28.95
C ASP B 164 8.43 -18.38 27.98
N LEU B 165 8.58 -18.59 26.67
CA LEU B 165 7.78 -17.84 25.70
C LEU B 165 7.75 -18.60 24.39
N GLU B 166 7.10 -18.00 23.40
CA GLU B 166 6.94 -18.60 22.08
C GLU B 166 8.05 -18.13 21.14
N SER B 167 8.44 -19.02 20.24
CA SER B 167 9.48 -18.70 19.27
C SER B 167 8.97 -17.76 18.17
N HIS B 168 7.66 -17.59 18.06
CA HIS B 168 7.06 -16.63 17.15
C HIS B 168 5.62 -16.41 17.59
N VAL B 169 4.98 -15.44 16.94
CA VAL B 169 3.56 -15.18 17.18
C VAL B 169 2.79 -15.88 16.08
N PRO B 170 2.15 -17.03 16.35
CA PRO B 170 1.65 -17.86 15.24
C PRO B 170 0.69 -17.14 14.31
N TRP B 171 -0.28 -16.39 14.84
CA TRP B 171 -1.24 -15.73 13.97
C TRP B 171 -0.57 -14.67 13.10
N ALA B 172 0.52 -14.09 13.59
CA ALA B 172 1.24 -13.10 12.81
C ALA B 172 2.14 -13.76 11.77
N SER B 173 2.83 -14.83 12.15
CA SER B 173 3.65 -15.57 11.19
C SER B 173 2.81 -16.12 10.05
N GLU B 174 1.64 -16.68 10.36
CA GLU B 174 0.75 -17.16 9.31
C GLU B 174 0.28 -16.01 8.41
N ALA B 175 -0.07 -14.88 9.02
CA ALA B 175 -0.55 -13.73 8.25
C ALA B 175 0.52 -13.23 7.28
N LEU B 176 1.72 -12.98 7.79
CA LEU B 176 2.82 -12.50 6.97
C LEU B 176 3.41 -13.59 6.09
N GLY B 177 3.02 -14.85 6.27
CA GLY B 177 3.59 -15.92 5.47
C GLY B 177 5.07 -16.09 5.68
N LYS B 178 5.57 -15.81 6.88
CA LYS B 178 6.98 -16.01 7.17
C LYS B 178 7.17 -16.11 8.67
N MET B 179 8.36 -16.52 9.03
CA MET B 179 8.78 -16.66 10.42
C MET B 179 9.60 -15.44 10.83
N PRO B 180 9.77 -15.22 12.13
CA PRO B 180 10.54 -14.05 12.57
C PRO B 180 11.98 -14.10 12.10
N ASP B 181 12.49 -12.94 11.69
N ASP B 181 12.48 -12.93 11.69
CA ASP B 181 13.91 -12.84 11.37
CA ASP B 181 13.90 -12.80 11.37
C ASP B 181 14.76 -12.61 12.63
C ASP B 181 14.74 -12.62 12.62
N ALA B 182 14.17 -12.12 13.71
CA ALA B 182 14.89 -11.94 14.94
C ALA B 182 13.91 -11.89 16.11
N VAL B 183 14.39 -12.30 17.27
CA VAL B 183 13.63 -12.23 18.52
C VAL B 183 14.56 -11.63 19.55
N ASN B 184 14.23 -10.44 20.05
CA ASN B 184 15.14 -9.63 20.84
C ASN B 184 14.62 -9.52 22.27
N PHE B 185 15.56 -9.46 23.21
CA PHE B 185 15.31 -9.27 24.62
C PHE B 185 15.74 -7.86 25.01
N TRP B 186 14.87 -7.13 25.70
CA TRP B 186 15.15 -5.77 26.11
C TRP B 186 15.08 -5.66 27.62
N LEU B 187 16.10 -5.04 28.21
CA LEU B 187 16.12 -4.79 29.64
C LEU B 187 17.02 -3.58 29.88
N GLY B 188 16.47 -2.53 30.50
CA GLY B 188 17.27 -1.33 30.69
C GLY B 188 16.77 -0.46 31.81
N GLU B 189 17.60 0.54 32.12
CA GLU B 189 17.22 1.59 33.05
C GLU B 189 16.14 2.48 32.45
N ALA B 190 15.42 3.18 33.32
CA ALA B 190 14.42 4.13 32.88
C ALA B 190 15.04 5.31 32.13
N ALA B 191 16.33 5.57 32.33
CA ALA B 191 17.02 6.67 31.66
C ALA B 191 17.42 6.33 30.23
N ALA B 192 17.36 5.06 29.83
CA ALA B 192 17.76 4.68 28.49
C ALA B 192 16.61 4.99 27.54
N VAL B 193 16.84 5.87 26.59
CA VAL B 193 15.83 6.34 25.67
C VAL B 193 16.26 5.96 24.26
N THR B 194 15.30 5.54 23.45
CA THR B 194 15.54 5.25 22.05
C THR B 194 15.06 6.44 21.23
N SER B 195 15.99 7.09 20.54
N SER B 195 16.00 7.06 20.51
CA SER B 195 15.65 8.27 19.77
CA SER B 195 15.73 8.24 19.72
C SER B 195 14.93 7.90 18.48
C SER B 195 14.91 7.89 18.49
N LEU B 196 14.32 8.91 17.87
CA LEU B 196 13.50 8.70 16.69
C LEU B 196 14.26 8.00 15.57
N HIS B 197 13.64 6.96 15.04
CA HIS B 197 14.18 6.21 13.91
C HIS B 197 13.05 5.36 13.36
N LYS B 198 13.31 4.73 12.22
CA LYS B 198 12.36 3.79 11.63
C LYS B 198 13.11 2.52 11.27
N ASP B 199 12.35 1.43 11.14
CA ASP B 199 12.90 0.12 10.83
C ASP B 199 12.26 -0.42 9.56
N HIS B 200 12.97 -1.33 8.89
CA HIS B 200 12.45 -2.08 7.76
C HIS B 200 11.74 -3.37 8.18
N TYR B 201 11.07 -3.39 9.33
CA TYR B 201 10.52 -4.61 9.89
C TYR B 201 9.10 -4.38 10.37
N GLU B 202 8.29 -5.44 10.26
CA GLU B 202 7.06 -5.51 11.03
C GLU B 202 7.43 -5.98 12.43
N ASN B 203 6.97 -5.25 13.44
CA ASN B 203 7.45 -5.42 14.80
C ASN B 203 6.29 -5.78 15.71
N LEU B 204 6.40 -6.90 16.41
CA LEU B 204 5.46 -7.28 17.46
C LEU B 204 6.20 -7.14 18.79
N TYR B 205 5.86 -6.10 19.53
CA TYR B 205 6.61 -5.69 20.70
C TYR B 205 5.82 -6.08 21.93
N CYS B 206 6.36 -7.03 22.71
CA CYS B 206 5.68 -7.62 23.86
C CYS B 206 6.33 -7.14 25.15
N VAL B 207 5.58 -6.37 25.94
CA VAL B 207 6.04 -5.91 27.23
C VAL B 207 5.64 -6.96 28.28
N VAL B 208 6.64 -7.55 28.93
CA VAL B 208 6.40 -8.59 29.92
C VAL B 208 6.24 -8.00 31.31
N SER B 209 6.99 -6.95 31.62
CA SER B 209 6.93 -6.33 32.94
C SER B 209 7.23 -4.85 32.79
N GLY B 210 6.53 -4.02 33.57
CA GLY B 210 6.73 -2.59 33.52
C GLY B 210 5.88 -1.94 32.45
N GLU B 211 6.39 -0.87 31.83
CA GLU B 211 5.68 -0.25 30.72
C GLU B 211 6.65 0.48 29.81
N LYS B 212 6.27 0.54 28.53
CA LYS B 212 6.99 1.26 27.50
C LYS B 212 6.11 2.40 27.00
N HIS B 213 6.71 3.55 26.77
CA HIS B 213 6.00 4.69 26.21
C HIS B 213 6.56 4.94 24.82
N PHE B 214 5.72 4.72 23.81
CA PHE B 214 6.08 4.94 22.42
C PHE B 214 5.53 6.28 21.93
N LEU B 215 6.37 7.02 21.22
CA LEU B 215 5.93 8.16 20.43
C LEU B 215 6.19 7.85 18.96
N PHE B 216 5.13 7.88 18.15
CA PHE B 216 5.16 7.53 16.74
C PHE B 216 5.00 8.74 15.82
N HIS B 217 5.58 8.63 14.63
CA HIS B 217 5.15 9.39 13.48
C HIS B 217 4.91 8.44 12.33
N PRO B 218 3.83 8.60 11.56
CA PRO B 218 3.63 7.73 10.42
C PRO B 218 4.66 8.01 9.32
N PRO B 219 4.92 7.03 8.47
CA PRO B 219 5.81 7.28 7.32
C PRO B 219 5.46 8.54 6.55
N SER B 220 4.16 8.84 6.42
CA SER B 220 3.70 9.97 5.62
C SER B 220 4.06 11.32 6.23
N ASP B 221 4.57 11.36 7.46
CA ASP B 221 5.08 12.60 8.05
C ASP B 221 6.50 12.91 7.60
N ARG B 222 7.09 12.07 6.75
CA ARG B 222 8.48 12.27 6.34
C ARG B 222 8.76 13.69 5.90
N PRO B 223 7.87 14.38 5.17
CA PRO B 223 8.18 15.75 4.75
C PRO B 223 8.53 16.69 5.89
N PHE B 224 7.99 16.48 7.09
CA PHE B 224 8.25 17.36 8.22
C PHE B 224 9.23 16.77 9.23
N ILE B 225 9.85 15.63 8.94
N ILE B 225 9.82 15.62 8.94
CA ILE B 225 10.80 15.01 9.85
CA ILE B 225 10.80 14.98 9.80
C ILE B 225 12.20 15.28 9.32
C ILE B 225 12.19 15.35 9.28
N PRO B 226 13.02 16.06 10.05
CA PRO B 226 14.34 16.42 9.54
C PRO B 226 15.34 15.28 9.63
N TYR B 227 16.23 15.25 8.65
CA TYR B 227 17.34 14.32 8.59
C TYR B 227 18.59 15.11 8.31
N GLU B 228 19.71 14.67 8.89
CA GLU B 228 21.00 15.28 8.64
C GLU B 228 22.05 14.20 8.56
N LEU B 229 23.19 14.53 7.96
CA LEU B 229 24.30 13.61 7.81
C LEU B 229 25.30 13.87 8.93
N TYR B 230 25.63 12.81 9.67
CA TYR B 230 26.52 12.93 10.82
C TYR B 230 27.71 11.99 10.68
N THR B 231 28.86 12.52 11.04
CA THR B 231 30.02 11.67 11.28
C THR B 231 29.69 10.70 12.40
N PRO B 232 29.89 9.40 12.20
CA PRO B 232 29.58 8.43 13.27
C PRO B 232 30.74 8.27 14.24
N ALA B 233 30.37 8.05 15.49
CA ALA B 233 31.36 7.90 16.55
C ALA B 233 30.79 7.00 17.63
N THR B 234 31.69 6.45 18.43
CA THR B 234 31.34 5.50 19.47
C THR B 234 31.84 6.01 20.81
N TYR B 235 31.05 5.78 21.86
CA TYR B 235 31.52 6.08 23.20
C TYR B 235 32.52 5.03 23.63
N GLN B 236 33.54 5.47 24.34
CA GLN B 236 34.53 4.57 24.90
C GLN B 236 34.66 4.87 26.37
N LEU B 237 34.51 3.84 27.19
CA LEU B 237 34.56 3.98 28.63
C LEU B 237 36.00 3.78 29.09
N THR B 238 36.51 4.74 29.86
CA THR B 238 37.87 4.65 30.37
C THR B 238 37.86 4.07 31.79
N GLU B 239 39.00 3.49 32.18
CA GLU B 239 39.13 2.86 33.49
C GLU B 239 38.75 3.80 34.62
N GLU B 240 38.77 5.10 34.37
CA GLU B 240 38.43 6.12 35.36
C GLU B 240 36.95 6.46 35.37
N GLY B 241 36.13 5.70 34.64
CA GLY B 241 34.71 5.93 34.63
C GLY B 241 34.26 7.08 33.76
N THR B 242 35.07 7.49 32.78
CA THR B 242 34.69 8.55 31.86
C THR B 242 34.41 7.99 30.48
N PHE B 243 33.74 8.81 29.67
CA PHE B 243 33.34 8.43 28.33
C PHE B 243 34.11 9.26 27.31
N LYS B 244 34.85 8.58 26.44
CA LYS B 244 35.52 9.18 25.30
C LYS B 244 34.66 9.04 24.05
N VAL B 245 34.83 9.97 23.11
CA VAL B 245 34.20 9.92 21.80
C VAL B 245 35.26 9.52 20.79
N VAL B 246 35.12 8.33 20.19
CA VAL B 246 36.06 7.85 19.18
C VAL B 246 35.33 7.76 17.84
N ASP B 247 35.83 8.50 16.85
CA ASP B 247 35.22 8.52 15.53
C ASP B 247 35.44 7.21 14.79
N GLU B 248 34.41 6.80 14.04
CA GLU B 248 34.46 5.60 13.19
C GLU B 248 34.87 5.99 11.77
N GLU B 249 36.19 6.07 11.56
CA GLU B 249 36.67 6.48 10.25
C GLU B 249 36.17 5.55 9.14
N ALA B 250 35.96 4.27 9.44
CA ALA B 250 35.56 3.30 8.42
C ALA B 250 34.11 3.46 7.96
N MET B 251 33.27 4.13 8.73
CA MET B 251 31.88 4.30 8.36
C MET B 251 31.71 5.57 7.54
N GLU B 252 30.82 5.51 6.55
CA GLU B 252 30.38 6.73 5.89
C GLU B 252 29.45 7.50 6.82
N LYS B 253 29.24 8.77 6.50
CA LYS B 253 28.35 9.59 7.30
C LYS B 253 26.97 8.95 7.35
N VAL B 254 26.34 9.01 8.51
CA VAL B 254 25.07 8.31 8.74
C VAL B 254 23.96 9.35 8.77
N PRO B 255 22.86 9.14 8.03
CA PRO B 255 21.70 10.03 8.14
C PRO B 255 20.89 9.71 9.38
N TRP B 256 20.50 10.73 10.12
CA TRP B 256 19.77 10.53 11.37
C TRP B 256 18.91 11.74 11.65
N ILE B 257 17.88 11.54 12.46
CA ILE B 257 16.97 12.61 12.87
C ILE B 257 17.56 13.35 14.05
N PRO B 258 17.95 14.62 13.89
CA PRO B 258 18.50 15.38 15.04
C PRO B 258 17.47 15.70 16.10
N LEU B 259 16.19 15.67 15.75
CA LEU B 259 15.16 16.28 16.56
C LEU B 259 14.79 15.41 17.76
N ASP B 260 14.51 16.07 18.89
CA ASP B 260 14.06 15.43 20.11
C ASP B 260 12.55 15.60 20.20
N PRO B 261 11.76 14.55 19.94
CA PRO B 261 10.29 14.73 19.86
C PRO B 261 9.68 15.25 21.14
N LEU B 262 10.38 15.13 22.27
CA LEU B 262 9.86 15.55 23.56
C LEU B 262 10.12 17.02 23.83
N ALA B 263 11.12 17.60 23.18
CA ALA B 263 11.49 18.99 23.35
C ALA B 263 12.07 19.49 22.04
N PRO B 264 11.23 19.60 21.00
CA PRO B 264 11.76 19.83 19.66
C PRO B 264 12.31 21.24 19.49
N ASP B 265 13.45 21.32 18.79
CA ASP B 265 14.10 22.59 18.49
C ASP B 265 13.43 23.21 17.26
N LEU B 266 12.26 23.81 17.50
CA LEU B 266 11.47 24.36 16.40
C LEU B 266 12.10 25.59 15.78
N ALA B 267 13.04 26.23 16.49
CA ALA B 267 13.80 27.33 15.89
C ALA B 267 14.67 26.83 14.74
N ARG B 268 15.22 25.62 14.86
CA ARG B 268 16.03 25.03 13.79
C ARG B 268 15.18 24.27 12.77
N TYR B 269 14.13 23.61 13.22
CA TYR B 269 13.30 22.77 12.35
C TYR B 269 11.85 23.17 12.54
N PRO B 270 11.50 24.40 12.15
CA PRO B 270 10.12 24.86 12.38
C PRO B 270 9.07 23.98 11.74
N SER B 271 9.38 23.36 10.60
CA SER B 271 8.39 22.57 9.88
C SER B 271 7.98 21.31 10.64
N TYR B 272 8.72 20.92 11.67
CA TYR B 272 8.31 19.76 12.46
C TYR B 272 6.98 20.00 13.16
N SER B 273 6.60 21.25 13.40
CA SER B 273 5.32 21.53 14.03
C SER B 273 4.15 21.07 13.17
N GLN B 274 4.38 20.88 11.87
CA GLN B 274 3.37 20.35 10.96
C GLN B 274 3.33 18.82 10.94
N ALA B 275 4.28 18.15 11.58
CA ALA B 275 4.12 16.74 11.85
C ALA B 275 3.19 16.57 13.04
N GLN B 276 2.71 15.35 13.24
CA GLN B 276 1.81 15.09 14.35
C GLN B 276 2.17 13.75 14.99
N ALA B 277 2.58 13.81 16.24
CA ALA B 277 3.02 12.61 16.94
C ALA B 277 1.82 11.84 17.45
N LEU B 278 1.97 10.53 17.50
CA LEU B 278 0.97 9.62 18.05
C LEU B 278 1.61 8.86 19.20
N CYS B 279 1.02 8.96 20.38
CA CYS B 279 1.59 8.42 21.60
C CYS B 279 0.74 7.28 22.13
N CYS B 280 1.40 6.32 22.75
CA CYS B 280 0.71 5.22 23.41
C CYS B 280 1.64 4.61 24.44
N THR B 281 1.05 3.91 25.39
CA THR B 281 1.79 3.21 26.44
C THR B 281 1.44 1.74 26.35
N VAL B 282 2.47 0.89 26.38
CA VAL B 282 2.29 -0.55 26.30
C VAL B 282 2.66 -1.13 27.65
N ARG B 283 1.68 -1.79 28.28
CA ARG B 283 1.83 -2.29 29.64
C ARG B 283 2.09 -3.80 29.64
N ALA B 284 2.42 -4.32 30.82
CA ALA B 284 2.74 -5.74 30.93
C ALA B 284 1.57 -6.60 30.48
N GLY B 285 1.87 -7.59 29.64
CA GLY B 285 0.85 -8.45 29.09
C GLY B 285 0.33 -8.04 27.74
N GLU B 286 0.71 -6.86 27.25
CA GLU B 286 0.19 -6.31 26.00
C GLU B 286 1.24 -6.41 24.90
N MET B 287 0.76 -6.46 23.67
CA MET B 287 1.60 -6.62 22.48
C MET B 287 1.30 -5.47 21.53
N LEU B 288 2.33 -4.68 21.22
CA LEU B 288 2.21 -3.60 20.25
C LEU B 288 2.60 -4.12 18.88
N TYR B 289 1.77 -3.83 17.89
CA TYR B 289 2.17 -3.96 16.48
C TYR B 289 2.70 -2.61 16.04
N LEU B 290 3.99 -2.55 15.74
CA LEU B 290 4.62 -1.32 15.30
C LEU B 290 4.90 -1.49 13.81
N PRO B 291 4.15 -0.84 12.93
CA PRO B 291 4.24 -1.20 11.50
C PRO B 291 5.54 -0.74 10.89
N ALA B 292 5.93 -1.44 9.82
CA ALA B 292 7.19 -1.15 9.16
C ALA B 292 7.24 0.31 8.73
N LEU B 293 8.44 0.89 8.80
CA LEU B 293 8.78 2.23 8.35
C LEU B 293 8.19 3.33 9.22
N TRP B 294 7.41 2.98 10.25
CA TRP B 294 6.94 3.99 11.18
C TRP B 294 8.09 4.50 12.04
N PHE B 295 8.19 5.82 12.14
CA PHE B 295 9.13 6.44 13.06
C PHE B 295 8.70 6.18 14.49
N HIS B 296 9.67 5.89 15.36
CA HIS B 296 9.29 5.70 16.75
C HIS B 296 10.42 6.09 17.67
N HIS B 297 10.00 6.46 18.87
CA HIS B 297 10.82 6.98 19.95
C HIS B 297 10.32 6.27 21.19
N VAL B 298 11.22 5.76 22.02
CA VAL B 298 10.82 4.79 23.03
C VAL B 298 11.40 5.16 24.38
N GLN B 299 10.53 5.18 25.40
CA GLN B 299 10.92 5.34 26.79
C GLN B 299 10.38 4.15 27.56
N GLN B 300 10.94 3.92 28.74
CA GLN B 300 10.62 2.73 29.53
C GLN B 300 10.70 3.05 31.01
N SER B 301 9.93 2.31 31.80
CA SER B 301 10.05 2.28 33.24
C SER B 301 11.29 1.51 33.67
N GLN B 302 11.66 1.67 34.95
CA GLN B 302 12.90 1.10 35.48
C GLN B 302 12.86 -0.43 35.42
N GLY B 303 13.86 -1.02 34.77
CA GLY B 303 13.90 -2.46 34.62
C GLY B 303 12.73 -3.05 33.84
N CYS B 304 12.14 -2.27 32.95
CA CYS B 304 11.13 -2.82 32.05
C CYS B 304 11.70 -4.00 31.29
N ILE B 305 10.93 -5.08 31.19
CA ILE B 305 11.33 -6.29 30.47
C ILE B 305 10.43 -6.44 29.25
N ALA B 306 11.04 -6.55 28.09
CA ALA B 306 10.28 -6.67 26.86
C ALA B 306 10.96 -7.62 25.90
N VAL B 307 10.14 -8.21 25.03
CA VAL B 307 10.56 -9.06 23.94
C VAL B 307 9.87 -8.54 22.70
N ASN B 308 10.57 -8.54 21.58
CA ASN B 308 9.94 -8.11 20.34
C ASN B 308 10.35 -9.05 19.22
N PHE B 309 9.40 -9.33 18.35
CA PHE B 309 9.62 -10.17 17.18
C PHE B 309 9.73 -9.26 15.97
N TRP B 310 10.79 -9.45 15.19
CA TRP B 310 10.97 -8.71 13.96
C TRP B 310 10.70 -9.64 12.77
N TYR B 311 9.70 -9.27 11.99
CA TYR B 311 9.40 -9.91 10.72
C TYR B 311 9.82 -8.97 9.60
N ASP B 312 10.49 -9.51 8.60
CA ASP B 312 10.93 -8.68 7.49
C ASP B 312 9.72 -8.12 6.76
N MET B 313 9.81 -6.85 6.39
CA MET B 313 8.72 -6.26 5.64
C MET B 313 8.78 -6.76 4.20
N GLU B 314 7.65 -6.63 3.52
CA GLU B 314 7.59 -6.87 2.09
C GLU B 314 8.03 -5.61 1.35
N TYR B 315 8.87 -5.78 0.33
CA TYR B 315 9.35 -4.65 -0.46
C TYR B 315 8.41 -4.47 -1.65
N ASP B 316 7.28 -3.83 -1.37
CA ASP B 316 6.17 -3.75 -2.29
C ASP B 316 5.87 -2.28 -2.66
N LEU B 317 4.63 -2.00 -3.04
CA LEU B 317 4.29 -0.67 -3.56
C LEU B 317 4.42 0.39 -2.47
N LYS B 318 4.01 0.06 -1.25
CA LYS B 318 4.16 1.01 -0.14
C LYS B 318 5.63 1.36 0.12
N TYR B 319 6.55 0.43 -0.15
CA TYR B 319 7.97 0.73 0.02
C TYR B 319 8.46 1.64 -1.09
N SER B 320 8.09 1.35 -2.34
CA SER B 320 8.48 2.21 -3.46
C SER B 320 7.97 3.62 -3.25
N TYR B 321 6.71 3.75 -2.83
CA TYR B 321 6.12 5.07 -2.60
C TYR B 321 6.86 5.84 -1.51
N PHE B 322 7.25 5.17 -0.44
CA PHE B 322 7.98 5.88 0.61
C PHE B 322 9.33 6.35 0.10
N GLN B 323 9.99 5.54 -0.74
CA GLN B 323 11.23 5.99 -1.33
C GLN B 323 11.01 7.23 -2.18
N LEU B 324 9.92 7.27 -2.93
CA LEU B 324 9.59 8.47 -3.70
C LEU B 324 9.36 9.66 -2.77
N LEU B 325 8.54 9.47 -1.72
CA LEU B 325 8.27 10.54 -0.78
C LEU B 325 9.55 11.05 -0.15
N ASP B 326 10.43 10.13 0.24
CA ASP B 326 11.71 10.49 0.84
C ASP B 326 12.58 11.28 -0.14
N SER B 327 12.75 10.77 -1.35
CA SER B 327 13.53 11.48 -2.36
C SER B 327 12.94 12.85 -2.68
N LEU B 328 11.61 12.93 -2.83
CA LEU B 328 10.99 14.21 -3.19
C LEU B 328 11.11 15.21 -2.05
N THR B 329 11.02 14.74 -0.80
CA THR B 329 11.25 15.63 0.34
C THR B 329 12.60 16.32 0.24
N LYS B 330 13.63 15.60 -0.21
CA LYS B 330 14.96 16.17 -0.32
C LYS B 330 15.14 16.96 -1.63
N ALA B 331 14.73 16.40 -2.76
CA ALA B 331 14.87 17.11 -4.04
C ALA B 331 14.17 18.46 -4.01
N SER B 332 13.05 18.56 -3.30
CA SER B 332 12.27 19.79 -3.26
C SER B 332 12.80 20.82 -2.26
N GLY B 333 13.74 20.46 -1.41
CA GLY B 333 14.24 21.38 -0.41
C GLY B 333 13.49 21.39 0.90
N LEU B 334 12.50 20.52 1.10
CA LEU B 334 11.79 20.48 2.37
C LEU B 334 12.67 19.93 3.48
N ASP B 335 13.66 19.12 3.15
CA ASP B 335 14.59 18.58 4.14
C ASP B 335 16.04 18.97 3.82
MN MN C . -12.82 -0.32 -16.08
C1 AKG D . -14.03 -2.81 -16.12
O1 AKG D . -14.52 -3.93 -15.85
O2 AKG D . -13.71 -1.99 -15.23
C2 AKG D . -13.84 -2.44 -17.52
O5 AKG D . -13.40 -1.34 -17.82
C3 AKG D . -14.18 -3.46 -18.59
C4 AKG D . -14.20 -2.83 -19.97
C5 AKG D . -14.67 -3.85 -20.99
O3 AKG D . -14.89 -5.02 -20.59
O4 AKG D . -14.79 -3.50 -22.18
C1 GOL E . -7.90 7.96 -28.71
O1 GOL E . -8.17 7.85 -30.08
C2 GOL E . -9.12 7.57 -27.89
O2 GOL E . -9.39 6.19 -28.05
C3 GOL E . -8.83 7.89 -26.43
O3 GOL E . -9.97 7.72 -25.63
C1 GOL F . -6.52 11.85 -13.27
O1 GOL F . -6.34 11.05 -12.12
C2 GOL F . -6.54 13.32 -12.89
O2 GOL F . -5.27 13.73 -12.45
C3 GOL F . -6.96 14.12 -14.12
O3 GOL F . -6.88 15.51 -13.87
C1 GOL G . -11.51 11.77 -1.29
O1 GOL G . -10.23 11.21 -1.09
C2 GOL G . -12.42 10.75 -1.96
O2 GOL G . -12.62 9.65 -1.10
C3 GOL G . -13.75 11.38 -2.32
O3 GOL G . -14.55 10.45 -3.03
N NO3 H . 10.06 1.41 -21.12
O1 NO3 H . 10.68 2.52 -20.99
O2 NO3 H . 10.36 0.43 -20.38
O3 NO3 H . 9.16 1.30 -22.01
MN MN I . 13.09 0.39 16.25
C1 AKG J . 12.27 -1.61 17.98
O1 AKG J . 11.81 -2.64 18.49
O2 AKG J . 12.41 -1.50 16.75
C2 AKG J . 12.68 -0.52 18.85
O5 AKG J . 13.07 0.50 18.31
C3 AKG J . 12.62 -0.67 20.36
C4 AKG J . 13.42 0.41 21.10
C5 AKG J . 13.27 0.23 22.59
O3 AKG J . 12.53 -0.69 23.02
O4 AKG J . 13.89 1.00 23.35
C1 GOL K . 4.13 -6.82 4.97
O1 GOL K . 5.22 -6.65 5.85
C2 GOL K . 3.78 -5.48 4.34
O2 GOL K . 4.95 -4.87 3.83
C3 GOL K . 2.76 -5.65 3.23
O3 GOL K . 2.47 -4.39 2.66
C1 GOL L . 16.34 9.16 5.33
O1 GOL L . 15.34 8.30 4.84
C2 GOL L . 17.16 9.73 4.18
O2 GOL L . 16.33 10.56 3.41
C3 GOL L . 18.30 10.56 4.75
O3 GOL L . 19.15 11.02 3.72
C1 GOL M . 18.65 13.64 21.44
O1 GOL M . 18.03 14.70 22.12
C2 GOL M . 18.15 13.51 20.01
O2 GOL M . 18.37 14.71 19.29
C3 GOL M . 18.95 12.38 19.40
O3 GOL M . 18.75 12.25 18.01
N NO3 N . 34.24 0.08 25.88
O1 NO3 N . 34.66 0.75 24.89
O2 NO3 N . 34.18 0.63 27.01
O3 NO3 N . 33.88 -1.12 25.73
#